data_4H2T
#
_entry.id   4H2T
#
_cell.length_a   91.461
_cell.length_b   101.218
_cell.length_c   104.654
_cell.angle_alpha   90.000
_cell.angle_beta   90.000
_cell.angle_gamma   90.000
#
_symmetry.space_group_name_H-M   'P 21 21 21'
#
loop_
_entity.id
_entity.type
_entity.pdbx_description
1 polymer 'Amino acid--[acyl-carrier-protein] ligase 1'
2 polymer 'Aminoacyl carrier protein 1'
3 non-polymer 'ZINC ION'
4 non-polymer "5'-O-(glycylsulfamoyl)adenosine"
5 non-polymer 'SULFATE ION'
6 non-polymer "4'-PHOSPHOPANTETHEINE"
7 water water
#
loop_
_entity_poly.entity_id
_entity_poly.type
_entity_poly.pdbx_seq_one_letter_code
_entity_poly.pdbx_strand_id
1 'polypeptide(L)'
;MGSSHHHHHHSSGLVPRGSHMNIAVLPNSPDTAPQIADPLDHLADKLFHSMGSDGVYARTALYESIVERLAALITSHREA
GTEALRFPPVMSRAQLEKSGYLKSFPNLLGCVCGLHGTEREINAAVSRFDAGGDWTTSLSPADLVLSPAACYPVYPIAAS
RGPLPKGGLRFDVAADCFRREPSKHLDRLQSFRMREYVCIGTPDDVSDFRERWMVRAQAIARDLGLTFRVDYASDPFFGR
VGQMKAVSQKQQQLKFELLIPLRSEEQPTACMSFNYHREHFGTTWGIQDANGEPAHTGCVAFGMDRLAVAMFHTHGTDLS
AWPAKVRDILGLQPHVAAGAHGEGWR
;
A,B
2 'polypeptide(L)'
;MGSSHHHHHHSSGLVPRGSHMQAFNTDVRNRIIKLVKGILEQNALAADVTPQAKLVDVGLTSMDMVNLMLGVEAEFDFTI
PQSEITPENFQSVETLERMVMTQLQPATAA
;
C,D
#
loop_
_chem_comp.id
_chem_comp.type
_chem_comp.name
_chem_comp.formula
G5A non-polymer 5'-O-(glycylsulfamoyl)adenosine 'C12 H17 N7 O7 S'
PNS non-polymer 4'-PHOSPHOPANTETHEINE 'C11 H23 N2 O7 P S'
SO4 non-polymer 'SULFATE ION' 'O4 S -2'
ZN non-polymer 'ZINC ION' 'Zn 2'
#
# COMPACT_ATOMS: atom_id res chain seq x y z
N ASP A 38 15.50 -3.17 25.22
CA ASP A 38 14.10 -2.84 25.42
C ASP A 38 13.30 -4.12 25.65
N PRO A 39 12.38 -4.09 26.62
CA PRO A 39 11.59 -5.27 27.04
C PRO A 39 10.78 -5.96 25.93
N LEU A 40 10.49 -5.28 24.83
CA LEU A 40 9.68 -5.93 23.81
C LEU A 40 10.53 -6.62 22.75
N ASP A 41 11.81 -6.26 22.69
CA ASP A 41 12.72 -6.76 21.65
C ASP A 41 12.74 -8.28 21.41
N HIS A 42 12.49 -9.07 22.44
CA HIS A 42 12.54 -10.53 22.29
C HIS A 42 11.37 -11.08 21.45
N LEU A 43 10.31 -10.28 21.28
CA LEU A 43 9.14 -10.73 20.51
C LEU A 43 9.39 -10.66 18.99
N ALA A 44 10.41 -9.91 18.59
CA ALA A 44 10.69 -9.66 17.17
C ALA A 44 10.85 -10.93 16.34
N ASP A 45 11.69 -11.86 16.79
CA ASP A 45 11.97 -13.09 16.04
C ASP A 45 10.72 -13.87 15.64
N LYS A 46 9.75 -13.96 16.55
CA LYS A 46 8.51 -14.65 16.25
C LYS A 46 7.49 -13.85 15.44
N LEU A 47 7.54 -12.52 15.54
CA LEU A 47 6.45 -11.68 15.02
C LEU A 47 6.76 -10.93 13.72
N PHE A 48 8.03 -10.65 13.47
CA PHE A 48 8.42 -9.63 12.51
C PHE A 48 9.64 -10.06 11.75
N HIS A 49 9.77 -9.54 10.53
CA HIS A 49 11.00 -9.61 9.76
C HIS A 49 11.41 -8.20 9.41
N SER A 50 12.71 -7.93 9.48
CA SER A 50 13.23 -6.62 9.12
C SER A 50 12.97 -6.29 7.66
N MET A 51 12.53 -5.07 7.43
CA MET A 51 12.33 -4.57 6.07
C MET A 51 13.29 -3.43 5.77
N GLY A 52 14.32 -3.28 6.59
CA GLY A 52 15.37 -2.32 6.32
C GLY A 52 15.06 -0.88 6.71
N SER A 53 14.12 -0.69 7.61
CA SER A 53 13.74 0.65 8.03
C SER A 53 13.09 0.59 9.39
N ASP A 54 13.60 1.36 10.34
CA ASP A 54 13.01 1.37 11.68
C ASP A 54 11.51 1.68 11.66
N GLY A 55 10.74 0.86 12.36
CA GLY A 55 9.31 1.08 12.45
C GLY A 55 8.48 0.50 11.31
N VAL A 56 9.12 -0.24 10.40
CA VAL A 56 8.46 -0.81 9.23
C VAL A 56 8.84 -2.29 9.17
N TYR A 57 7.90 -3.18 9.50
CA TYR A 57 8.21 -4.61 9.59
C TYR A 57 7.27 -5.50 8.78
N ALA A 58 7.84 -6.57 8.25
CA ALA A 58 7.03 -7.62 7.68
C ALA A 58 6.42 -8.42 8.83
N ARG A 59 5.17 -8.85 8.64
CA ARG A 59 4.43 -9.55 9.66
C ARG A 59 4.28 -11.04 9.37
N THR A 60 4.65 -11.86 10.37
CA THR A 60 4.56 -13.30 10.26
C THR A 60 3.10 -13.75 10.29
N ALA A 61 2.88 -14.99 9.87
CA ALA A 61 1.55 -15.58 9.92
C ALA A 61 1.00 -15.57 11.36
N LEU A 62 1.86 -15.87 12.33
CA LEU A 62 1.50 -15.88 13.76
C LEU A 62 0.94 -14.54 14.23
N TYR A 63 1.71 -13.50 13.96
CA TYR A 63 1.35 -12.16 14.34
C TYR A 63 0.05 -11.72 13.68
N GLU A 64 -0.06 -11.99 12.38
CA GLU A 64 -1.18 -11.51 11.60
C GLU A 64 -2.44 -12.27 12.02
N SER A 65 -2.28 -13.54 12.41
CA SER A 65 -3.43 -14.33 12.89
C SER A 65 -4.03 -13.70 14.14
N ILE A 66 -3.19 -13.20 15.04
CA ILE A 66 -3.70 -12.50 16.22
C ILE A 66 -4.29 -11.10 15.90
N VAL A 67 -3.68 -10.33 14.99
CA VAL A 67 -4.28 -9.06 14.56
C VAL A 67 -5.66 -9.29 13.99
N GLU A 68 -5.80 -10.37 13.21
CA GLU A 68 -7.07 -10.74 12.60
C GLU A 68 -8.12 -11.10 13.64
N ARG A 69 -7.75 -11.90 14.65
CA ARG A 69 -8.68 -12.28 15.71
C ARG A 69 -9.05 -11.06 16.57
N LEU A 70 -8.13 -10.10 16.71
CA LEU A 70 -8.43 -8.89 17.48
C LEU A 70 -9.43 -8.04 16.75
N ALA A 71 -9.27 -7.97 15.43
CA ALA A 71 -10.16 -7.23 14.55
C ALA A 71 -11.56 -7.82 14.55
N ALA A 72 -11.65 -9.15 14.52
CA ALA A 72 -12.95 -9.82 14.54
C ALA A 72 -13.63 -9.58 15.89
N LEU A 73 -12.85 -9.59 16.97
CA LEU A 73 -13.37 -9.34 18.31
C LEU A 73 -13.96 -7.93 18.39
N ILE A 74 -13.22 -6.96 17.89
CA ILE A 74 -13.69 -5.59 17.88
C ILE A 74 -14.98 -5.49 17.08
N THR A 75 -14.98 -6.03 15.87
CA THR A 75 -16.17 -6.05 15.03
C THR A 75 -17.39 -6.58 15.80
N SER A 76 -17.18 -7.64 16.57
CA SER A 76 -18.28 -8.30 17.28
C SER A 76 -18.92 -7.41 18.35
N HIS A 77 -18.22 -6.33 18.72
CA HIS A 77 -18.73 -5.36 19.70
C HIS A 77 -19.27 -4.11 19.01
N ARG A 78 -19.39 -4.12 17.69
CA ARG A 78 -19.88 -2.93 16.99
C ARG A 78 -21.34 -2.60 17.34
N GLU A 79 -21.64 -1.35 17.67
CA GLU A 79 -23.03 -0.93 17.93
C GLU A 79 -23.89 -1.06 16.66
N ALA A 80 -25.17 -1.36 16.86
CA ALA A 80 -26.09 -1.42 15.75
C ALA A 80 -26.28 -0.04 15.08
N GLY A 81 -26.57 -0.05 13.79
CA GLY A 81 -26.70 1.18 13.04
C GLY A 81 -25.36 1.82 12.68
N THR A 82 -24.31 1.02 12.61
CA THR A 82 -22.98 1.57 12.39
C THR A 82 -22.53 1.25 10.97
N GLU A 83 -22.28 2.27 10.18
CA GLU A 83 -21.85 2.07 8.80
C GLU A 83 -20.32 1.82 8.75
N ALA A 84 -19.93 0.72 8.12
CA ALA A 84 -18.51 0.34 8.05
C ALA A 84 -17.86 0.74 6.73
N LEU A 85 -16.79 1.51 6.81
CA LEU A 85 -16.01 1.88 5.62
C LEU A 85 -14.54 1.46 5.75
N ARG A 86 -13.94 1.04 4.66
CA ARG A 86 -12.51 0.73 4.68
C ARG A 86 -11.73 1.69 3.79
N PHE A 87 -10.74 2.34 4.39
CA PHE A 87 -9.95 3.34 3.68
C PHE A 87 -8.60 2.77 3.24
N PRO A 88 -8.11 3.22 2.08
CA PRO A 88 -6.75 2.85 1.66
C PRO A 88 -5.71 3.58 2.54
N PRO A 89 -4.42 3.26 2.37
CA PRO A 89 -3.41 3.97 3.17
C PRO A 89 -3.13 5.41 2.71
N VAL A 90 -3.76 5.87 1.64
CA VAL A 90 -3.59 7.26 1.21
C VAL A 90 -4.90 8.03 1.18
N MET A 91 -4.82 9.35 1.31
CA MET A 91 -6.01 10.19 1.27
C MET A 91 -5.70 11.53 0.62
N SER A 92 -6.76 12.30 0.35
CA SER A 92 -6.61 13.58 -0.33
C SER A 92 -5.80 14.53 0.54
N ARG A 93 -4.78 15.14 -0.05
CA ARG A 93 -4.00 16.12 0.66
C ARG A 93 -4.84 17.35 1.02
N ALA A 94 -5.74 17.75 0.12
CA ALA A 94 -6.55 18.95 0.38
C ALA A 94 -7.48 18.69 1.55
N GLN A 95 -8.09 17.51 1.56
CA GLN A 95 -8.97 17.13 2.67
C GLN A 95 -8.24 17.15 4.01
N LEU A 96 -6.99 16.70 4.04
CA LEU A 96 -6.24 16.69 5.30
C LEU A 96 -5.81 18.10 5.72
N GLU A 97 -5.38 18.90 4.74
CA GLU A 97 -5.08 20.32 4.96
C GLU A 97 -6.27 21.06 5.57
N LYS A 98 -7.44 20.88 4.98
CA LYS A 98 -8.67 21.48 5.47
C LYS A 98 -9.00 21.06 6.92
N SER A 99 -8.59 19.86 7.30
CA SER A 99 -8.91 19.29 8.61
C SER A 99 -8.00 19.77 9.71
N GLY A 100 -6.98 20.55 9.35
CA GLY A 100 -6.15 21.21 10.33
C GLY A 100 -4.98 20.39 10.81
N TYR A 101 -4.72 19.28 10.15
CA TYR A 101 -3.60 18.42 10.55
C TYR A 101 -2.25 19.16 10.56
N LEU A 102 -2.05 20.12 9.66
CA LEU A 102 -0.81 20.90 9.61
C LEU A 102 -0.60 21.81 10.80
N LYS A 103 -1.70 22.30 11.37
CA LYS A 103 -1.61 23.07 12.59
C LYS A 103 -1.16 22.22 13.80
N SER A 104 -1.42 20.91 13.76
CA SER A 104 -1.21 20.08 14.94
C SER A 104 0.06 19.24 14.91
N PHE A 105 0.24 18.48 13.81
CA PHE A 105 1.34 17.52 13.70
C PHE A 105 2.04 17.56 12.33
N PRO A 106 2.57 18.73 11.92
CA PRO A 106 3.19 18.81 10.58
C PRO A 106 4.46 17.96 10.46
N ASN A 107 5.06 17.64 11.61
CA ASN A 107 6.30 16.85 11.66
C ASN A 107 6.06 15.36 11.51
N LEU A 108 4.81 14.92 11.62
CA LEU A 108 4.49 13.49 11.49
C LEU A 108 3.93 13.14 10.10
N LEU A 109 3.53 14.15 9.34
CA LEU A 109 2.82 13.88 8.10
C LEU A 109 3.74 13.26 7.06
N GLY A 110 3.29 12.21 6.38
CA GLY A 110 4.00 11.69 5.22
C GLY A 110 3.25 12.15 3.97
N CYS A 111 3.95 12.81 3.06
CA CYS A 111 3.29 13.25 1.84
C CYS A 111 3.75 12.36 0.70
N VAL A 112 2.86 12.13 -0.27
CA VAL A 112 3.16 11.30 -1.43
C VAL A 112 3.74 12.21 -2.52
N CYS A 113 4.93 11.87 -2.99
CA CYS A 113 5.57 12.63 -4.07
CA CYS A 113 5.56 12.63 -4.07
C CYS A 113 5.96 11.69 -5.21
N GLY A 114 6.11 12.25 -6.40
CA GLY A 114 6.45 11.45 -7.56
C GLY A 114 7.20 12.24 -8.61
N LEU A 115 7.62 11.56 -9.68
CA LEU A 115 8.24 12.24 -10.79
C LEU A 115 7.13 12.61 -11.76
N HIS A 116 6.76 13.90 -11.76
CA HIS A 116 5.62 14.37 -12.55
C HIS A 116 6.04 15.10 -13.85
N GLY A 117 7.33 15.10 -14.13
CA GLY A 117 7.82 15.85 -15.27
C GLY A 117 7.59 15.23 -16.66
N THR A 118 8.39 15.71 -17.60
CA THR A 118 8.35 15.22 -18.97
C THR A 118 9.25 14.00 -19.04
N GLU A 119 9.18 13.28 -20.16
CA GLU A 119 10.07 12.12 -20.35
C GLU A 119 11.55 12.48 -20.25
N ARG A 120 11.93 13.67 -20.72
CA ARG A 120 13.32 14.08 -20.68
C ARG A 120 13.75 14.30 -19.23
N GLU A 121 12.94 15.04 -18.48
CA GLU A 121 13.21 15.31 -17.06
C GLU A 121 13.30 14.02 -16.25
N ILE A 122 12.34 13.12 -16.46
CA ILE A 122 12.37 11.82 -15.76
C ILE A 122 13.58 10.97 -16.11
N ASN A 123 13.96 10.98 -17.39
CA ASN A 123 15.17 10.25 -17.82
C ASN A 123 16.43 10.82 -17.19
N ALA A 124 16.48 12.14 -17.05
CA ALA A 124 17.64 12.77 -16.42
C ALA A 124 17.74 12.37 -14.96
N ALA A 125 16.57 12.32 -14.31
CA ALA A 125 16.47 11.90 -12.92
C ALA A 125 17.04 10.49 -12.81
N VAL A 126 16.55 9.59 -13.66
CA VAL A 126 17.07 8.22 -13.67
C VAL A 126 18.58 8.17 -13.96
N SER A 127 19.05 9.08 -14.83
CA SER A 127 20.47 9.13 -15.17
C SER A 127 21.33 9.49 -13.97
N ARG A 128 20.89 10.48 -13.19
CA ARG A 128 21.60 10.82 -11.96
C ARG A 128 21.62 9.63 -11.03
N PHE A 129 20.54 8.85 -11.02
CA PHE A 129 20.50 7.67 -10.18
C PHE A 129 21.58 6.69 -10.63
N ASP A 130 21.60 6.37 -11.92
CA ASP A 130 22.64 5.49 -12.51
C ASP A 130 24.06 5.91 -12.19
N ALA A 131 24.30 7.22 -12.15
CA ALA A 131 25.62 7.74 -11.85
C ALA A 131 25.88 7.73 -10.36
N GLY A 132 24.92 7.22 -9.58
CA GLY A 132 25.06 7.18 -8.13
C GLY A 132 24.77 8.51 -7.46
N GLY A 133 24.01 9.36 -8.14
CA GLY A 133 23.54 10.61 -7.56
C GLY A 133 22.07 10.60 -7.17
N ASP A 134 21.55 11.78 -6.89
CA ASP A 134 20.24 11.93 -6.29
C ASP A 134 19.15 12.25 -7.29
N TRP A 135 18.35 11.24 -7.63
CA TRP A 135 17.22 11.46 -8.49
C TRP A 135 16.05 12.14 -7.77
N THR A 136 16.05 12.10 -6.44
CA THR A 136 14.89 12.56 -5.65
C THR A 136 14.64 14.06 -5.74
N THR A 137 15.66 14.81 -6.16
CA THR A 137 15.50 16.26 -6.40
C THR A 137 14.47 16.56 -7.47
N SER A 138 14.15 15.57 -8.33
CA SER A 138 13.13 15.75 -9.35
C SER A 138 11.71 15.43 -8.85
N LEU A 139 11.60 15.08 -7.56
CA LEU A 139 10.29 14.80 -6.96
C LEU A 139 9.47 16.05 -6.75
N SER A 140 8.16 15.92 -6.93
CA SER A 140 7.23 16.98 -6.56
C SER A 140 6.01 16.34 -5.91
N PRO A 141 5.32 17.09 -5.05
CA PRO A 141 4.14 16.60 -4.33
C PRO A 141 2.99 16.20 -5.25
N ALA A 142 2.34 15.10 -4.90
CA ALA A 142 1.09 14.70 -5.50
C ALA A 142 -0.01 15.38 -4.71
N ASP A 143 -1.25 15.03 -5.04
CA ASP A 143 -2.40 15.58 -4.34
C ASP A 143 -2.86 14.58 -3.26
N LEU A 144 -1.94 13.73 -2.82
CA LEU A 144 -2.23 12.68 -1.86
C LEU A 144 -1.27 12.74 -0.67
N VAL A 145 -1.77 12.42 0.51
CA VAL A 145 -0.90 12.09 1.64
C VAL A 145 -1.16 10.67 2.17
N LEU A 146 -0.21 10.14 2.95
CA LEU A 146 -0.43 8.88 3.67
C LEU A 146 -1.26 9.24 4.88
N SER A 147 -2.36 8.52 5.08
CA SER A 147 -3.30 8.87 6.15
C SER A 147 -2.65 8.71 7.52
N PRO A 148 -2.72 9.76 8.33
CA PRO A 148 -2.16 9.74 9.69
C PRO A 148 -3.12 9.15 10.75
N ALA A 149 -4.39 9.03 10.39
CA ALA A 149 -5.40 8.46 11.29
C ALA A 149 -6.53 7.99 10.42
N ALA A 150 -7.23 6.95 10.85
CA ALA A 150 -8.26 6.33 10.02
C ALA A 150 -9.55 7.15 9.84
N CYS A 151 -9.85 8.06 10.77
CA CYS A 151 -11.14 8.71 10.72
C CYS A 151 -11.23 9.95 9.79
N TYR A 152 -10.09 10.61 9.53
CA TYR A 152 -10.10 11.84 8.71
C TYR A 152 -10.99 11.81 7.45
N PRO A 153 -10.86 10.79 6.59
CA PRO A 153 -11.69 10.82 5.39
C PRO A 153 -13.20 10.67 5.64
N VAL A 154 -13.63 10.34 6.85
CA VAL A 154 -15.05 10.05 7.07
C VAL A 154 -15.92 11.31 7.21
N TYR A 155 -15.33 12.40 7.70
CA TYR A 155 -16.11 13.63 7.90
C TYR A 155 -16.66 14.26 6.61
N PRO A 156 -15.81 14.46 5.57
CA PRO A 156 -16.39 14.94 4.30
C PRO A 156 -17.41 13.98 3.70
N ILE A 157 -17.20 12.69 3.85
CA ILE A 157 -18.17 11.74 3.33
C ILE A 157 -19.52 11.95 4.05
N ALA A 158 -19.47 12.05 5.37
CA ALA A 158 -20.69 12.25 6.14
C ALA A 158 -21.35 13.58 5.78
N ALA A 159 -20.53 14.61 5.60
CA ALA A 159 -21.00 15.97 5.32
C ALA A 159 -21.76 16.05 3.99
N SER A 160 -21.38 15.23 3.04
CA SER A 160 -22.05 15.23 1.75
C SER A 160 -23.46 14.64 1.81
N ARG A 161 -23.93 14.27 3.01
CA ARG A 161 -25.24 13.62 3.13
C ARG A 161 -26.35 14.54 3.62
N GLY A 162 -26.02 15.79 3.93
CA GLY A 162 -27.00 16.71 4.46
C GLY A 162 -27.12 16.57 5.96
N PRO A 163 -28.16 17.18 6.54
CA PRO A 163 -28.27 17.18 7.99
C PRO A 163 -28.36 15.78 8.56
N LEU A 164 -27.84 15.61 9.77
CA LEU A 164 -27.79 14.32 10.44
C LEU A 164 -29.17 13.91 10.89
N PRO A 165 -29.46 12.61 10.86
CA PRO A 165 -30.69 12.14 11.48
C PRO A 165 -30.64 12.39 12.99
N LYS A 166 -31.77 12.24 13.67
CA LYS A 166 -31.78 12.31 15.11
C LYS A 166 -30.90 11.17 15.59
N GLY A 167 -30.06 11.42 16.60
CA GLY A 167 -29.18 10.39 17.10
C GLY A 167 -27.85 10.31 16.34
N GLY A 168 -27.68 11.21 15.37
CA GLY A 168 -26.43 11.35 14.64
C GLY A 168 -26.05 10.12 13.84
N LEU A 169 -24.81 10.09 13.37
CA LEU A 169 -24.31 8.98 12.56
C LEU A 169 -23.16 8.27 13.28
N ARG A 170 -23.03 6.98 12.99
CA ARG A 170 -21.92 6.21 13.54
C ARG A 170 -21.20 5.43 12.45
N PHE A 171 -19.88 5.57 12.44
CA PHE A 171 -19.05 4.87 11.45
C PHE A 171 -18.05 3.91 12.08
N ASP A 172 -17.77 2.85 11.35
CA ASP A 172 -16.72 1.90 11.67
C ASP A 172 -15.70 2.06 10.54
N VAL A 173 -14.55 2.61 10.88
CA VAL A 173 -13.51 2.86 9.88
C VAL A 173 -12.19 2.13 10.19
N ALA A 174 -11.39 1.86 9.16
CA ALA A 174 -10.05 1.32 9.37
C ALA A 174 -9.14 1.79 8.27
N ALA A 175 -7.84 1.83 8.57
CA ALA A 175 -6.85 2.16 7.58
C ALA A 175 -5.48 1.80 8.11
N ASP A 176 -4.56 1.59 7.18
CA ASP A 176 -3.15 1.54 7.50
C ASP A 176 -2.69 2.98 7.55
N CYS A 177 -2.24 3.43 8.71
CA CYS A 177 -1.80 4.80 8.87
C CYS A 177 -0.29 4.94 8.88
N PHE A 178 0.13 6.18 8.73
CA PHE A 178 1.55 6.50 8.73
C PHE A 178 1.79 7.71 9.62
N ARG A 179 2.83 7.61 10.43
CA ARG A 179 3.34 8.76 11.15
C ARG A 179 4.84 8.71 11.08
N ARG A 180 5.43 9.83 10.71
CA ARG A 180 6.85 9.89 10.53
C ARG A 180 7.54 10.04 11.88
N GLU A 181 7.67 8.94 12.60
CA GLU A 181 8.40 8.90 13.86
C GLU A 181 9.16 7.57 13.96
N PRO A 182 10.33 7.50 13.31
CA PRO A 182 11.20 6.32 13.33
C PRO A 182 11.67 5.97 14.73
N SER A 183 11.62 4.69 15.09
CA SER A 183 11.95 4.20 16.43
C SER A 183 12.32 2.72 16.27
N LYS A 184 13.12 2.18 17.17
CA LYS A 184 13.39 0.75 17.12
C LYS A 184 12.43 -0.06 18.00
N HIS A 185 11.60 0.65 18.76
CA HIS A 185 10.68 0.00 19.68
C HIS A 185 9.49 -0.63 18.95
N LEU A 186 9.16 -1.87 19.29
CA LEU A 186 8.08 -2.58 18.59
C LEU A 186 6.68 -1.97 18.79
N ASP A 187 6.54 -1.06 19.74
CA ASP A 187 5.26 -0.39 19.96
C ASP A 187 5.23 1.05 19.41
N ARG A 188 6.32 1.47 18.78
CA ARG A 188 6.29 2.72 18.03
C ARG A 188 6.67 2.55 16.55
N LEU A 189 5.66 2.36 15.72
CA LEU A 189 5.85 2.10 14.30
C LEU A 189 5.59 3.36 13.44
N GLN A 190 6.09 3.36 12.20
CA GLN A 190 5.72 4.43 11.25
C GLN A 190 4.52 4.03 10.42
N SER A 191 4.37 2.73 10.18
CA SER A 191 3.24 2.22 9.44
C SER A 191 2.46 1.25 10.32
N PHE A 192 1.20 1.55 10.59
CA PHE A 192 0.42 0.72 11.53
C PHE A 192 -1.07 0.76 11.24
N ARG A 193 -1.75 -0.36 11.53
CA ARG A 193 -3.22 -0.45 11.42
C ARG A 193 -3.95 0.25 12.55
N MET A 194 -4.85 1.15 12.19
CA MET A 194 -5.78 1.73 13.16
C MET A 194 -7.22 1.32 12.85
N ARG A 195 -8.02 1.14 13.90
CA ARG A 195 -9.43 0.81 13.75
C ARG A 195 -10.23 1.76 14.65
N GLU A 196 -11.27 2.37 14.09
CA GLU A 196 -12.01 3.38 14.82
C GLU A 196 -13.52 3.25 14.69
N TYR A 197 -14.22 3.52 15.79
CA TYR A 197 -15.64 3.83 15.74
C TYR A 197 -15.82 5.34 15.93
N VAL A 198 -16.50 5.97 14.98
CA VAL A 198 -16.66 7.42 14.97
C VAL A 198 -18.11 7.80 15.19
N CYS A 199 -18.33 8.78 16.06
CA CYS A 199 -19.67 9.26 16.27
C CYS A 199 -19.83 10.74 15.89
N ILE A 200 -20.84 11.02 15.05
CA ILE A 200 -21.15 12.38 14.63
C ILE A 200 -22.60 12.69 15.02
N GLY A 201 -22.83 13.78 15.75
CA GLY A 201 -24.16 14.09 16.25
C GLY A 201 -24.15 15.28 17.19
N THR A 202 -25.13 15.34 18.10
CA THR A 202 -25.23 16.44 19.08
C THR A 202 -24.17 16.19 20.14
N PRO A 203 -23.92 17.18 21.02
CA PRO A 203 -22.96 16.86 22.07
C PRO A 203 -23.34 15.66 22.96
N ASP A 204 -24.63 15.40 23.13
CA ASP A 204 -25.06 14.28 23.99
C ASP A 204 -24.81 12.94 23.32
N ASP A 205 -25.12 12.85 22.03
CA ASP A 205 -24.88 11.64 21.25
C ASP A 205 -23.41 11.25 21.35
N VAL A 206 -22.53 12.24 21.25
CA VAL A 206 -21.10 11.98 21.21
C VAL A 206 -20.52 11.63 22.56
N SER A 207 -20.90 12.40 23.59
CA SER A 207 -20.46 12.12 24.95
C SER A 207 -20.95 10.76 25.47
N ASP A 208 -22.20 10.44 25.16
CA ASP A 208 -22.78 9.15 25.55
C ASP A 208 -22.09 8.01 24.83
N PHE A 209 -21.72 8.27 23.59
CA PHE A 209 -21.05 7.29 22.75
C PHE A 209 -19.72 6.92 23.36
N ARG A 210 -18.94 7.95 23.71
CA ARG A 210 -17.60 7.76 24.26
C ARG A 210 -17.68 7.15 25.66
N GLU A 211 -18.74 7.48 26.39
CA GLU A 211 -18.99 6.89 27.70
C GLU A 211 -19.19 5.37 27.56
N ARG A 212 -20.09 4.96 26.69
CA ARG A 212 -20.30 3.55 26.41
C ARG A 212 -18.97 2.83 26.06
N TRP A 213 -18.19 3.43 25.15
CA TRP A 213 -16.99 2.79 24.65
C TRP A 213 -15.85 2.74 25.65
N MET A 214 -15.75 3.73 26.53
CA MET A 214 -14.71 3.70 27.54
C MET A 214 -14.89 2.51 28.49
N VAL A 215 -16.15 2.22 28.82
CA VAL A 215 -16.49 1.08 29.65
C VAL A 215 -16.30 -0.20 28.86
N ARG A 216 -16.87 -0.24 27.68
CA ARG A 216 -16.80 -1.42 26.84
C ARG A 216 -15.33 -1.79 26.51
N ALA A 217 -14.49 -0.80 26.24
CA ALA A 217 -13.10 -1.09 25.89
C ALA A 217 -12.35 -1.76 27.05
N GLN A 218 -12.64 -1.34 28.28
CA GLN A 218 -12.00 -1.91 29.45
C GLN A 218 -12.44 -3.35 29.67
N ALA A 219 -13.73 -3.61 29.47
CA ALA A 219 -14.26 -4.97 29.56
C ALA A 219 -13.55 -5.88 28.54
N ILE A 220 -13.32 -5.35 27.34
CA ILE A 220 -12.57 -6.05 26.32
C ILE A 220 -11.13 -6.33 26.76
N ALA A 221 -10.43 -5.30 27.22
CA ALA A 221 -9.04 -5.47 27.64
C ALA A 221 -8.96 -6.52 28.77
N ARG A 222 -9.92 -6.47 29.69
CA ARG A 222 -10.00 -7.42 30.78
C ARG A 222 -10.18 -8.86 30.28
N ASP A 223 -11.07 -9.05 29.31
CA ASP A 223 -11.31 -10.37 28.74
C ASP A 223 -10.12 -10.87 27.93
N LEU A 224 -9.28 -9.95 27.47
CA LEU A 224 -8.05 -10.31 26.76
C LEU A 224 -6.92 -10.67 27.72
N GLY A 225 -7.22 -10.65 29.01
CA GLY A 225 -6.23 -10.95 30.04
C GLY A 225 -5.23 -9.84 30.20
N LEU A 226 -5.59 -8.65 29.73
CA LEU A 226 -4.64 -7.55 29.70
C LEU A 226 -4.66 -6.73 31.00
N THR A 227 -3.51 -6.16 31.33
CA THR A 227 -3.36 -5.22 32.45
C THR A 227 -3.37 -3.81 31.89
N PHE A 228 -4.20 -2.94 32.48
CA PHE A 228 -4.37 -1.61 31.92
C PHE A 228 -4.89 -0.63 32.96
N ARG A 229 -4.78 0.66 32.65
CA ARG A 229 -5.63 1.66 33.25
C ARG A 229 -6.03 2.74 32.22
N VAL A 230 -7.13 3.43 32.49
CA VAL A 230 -7.61 4.49 31.61
C VAL A 230 -7.25 5.83 32.20
N ASP A 231 -6.67 6.71 31.41
CA ASP A 231 -6.23 7.97 31.98
C ASP A 231 -6.36 9.15 31.01
N TYR A 232 -6.33 10.37 31.53
CA TYR A 232 -6.40 11.57 30.70
C TYR A 232 -5.12 11.65 29.92
N ALA A 233 -5.21 12.06 28.68
CA ALA A 233 -4.03 12.20 27.87
C ALA A 233 -4.16 13.41 26.98
N SER A 234 -3.11 13.65 26.21
CA SER A 234 -3.15 14.65 25.18
C SER A 234 -2.42 14.17 23.91
N ASP A 235 -2.81 14.71 22.77
CA ASP A 235 -2.09 14.46 21.54
C ASP A 235 -0.77 15.25 21.61
N PRO A 236 0.27 14.79 20.90
CA PRO A 236 1.58 15.46 20.97
C PRO A 236 1.69 16.62 19.99
N PHE A 237 0.97 17.70 20.27
CA PHE A 237 0.93 18.84 19.35
C PHE A 237 2.33 19.39 19.14
N PHE A 238 2.62 19.75 17.90
CA PHE A 238 3.96 20.20 17.53
C PHE A 238 4.24 21.62 18.00
N GLY A 239 5.48 21.88 18.37
CA GLY A 239 5.90 23.21 18.78
C GLY A 239 5.54 23.61 20.21
N ARG A 240 6.02 24.78 20.61
CA ARG A 240 5.76 25.27 21.96
C ARG A 240 4.31 25.73 22.09
N VAL A 241 3.77 26.33 21.04
CA VAL A 241 2.34 26.62 21.01
C VAL A 241 1.54 25.35 21.28
N GLY A 242 1.94 24.27 20.61
CA GLY A 242 1.27 23.00 20.70
C GLY A 242 1.32 22.38 22.08
N GLN A 243 2.43 22.59 22.77
CA GLN A 243 2.58 22.21 24.18
C GLN A 243 1.43 22.72 25.05
N MET A 244 0.92 23.91 24.74
CA MET A 244 -0.17 24.52 25.49
C MET A 244 -1.52 23.95 25.06
N LYS A 245 -1.65 23.64 23.77
CA LYS A 245 -2.84 22.94 23.28
C LYS A 245 -3.02 21.61 24.01
N ALA A 246 -1.92 20.91 24.25
CA ALA A 246 -1.95 19.62 24.94
C ALA A 246 -2.43 19.81 26.38
N VAL A 247 -1.88 20.83 27.03
CA VAL A 247 -2.31 21.18 28.38
C VAL A 247 -3.83 21.45 28.43
N SER A 248 -4.33 22.25 27.52
CA SER A 248 -5.77 22.55 27.51
C SER A 248 -6.60 21.33 27.11
N GLN A 249 -6.00 20.45 26.32
CA GLN A 249 -6.68 19.22 25.92
C GLN A 249 -6.83 18.29 27.12
N LYS A 250 -5.77 18.17 27.91
CA LYS A 250 -5.84 17.36 29.11
C LYS A 250 -6.83 17.98 30.09
N GLN A 251 -6.69 19.28 30.34
CA GLN A 251 -7.61 20.05 31.19
C GLN A 251 -9.10 19.96 30.81
N GLN A 252 -9.41 19.96 29.52
CA GLN A 252 -10.80 19.81 29.08
C GLN A 252 -11.21 18.34 28.99
N GLN A 253 -10.27 17.46 29.29
CA GLN A 253 -10.52 16.01 29.26
C GLN A 253 -11.08 15.50 27.93
N LEU A 254 -10.50 15.98 26.82
CA LEU A 254 -10.96 15.63 25.48
C LEU A 254 -10.35 14.33 24.98
N LYS A 255 -9.38 13.81 25.72
CA LYS A 255 -8.70 12.60 25.30
C LYS A 255 -8.37 11.64 26.44
N PHE A 256 -8.85 10.41 26.30
CA PHE A 256 -8.45 9.34 27.20
C PHE A 256 -7.65 8.29 26.45
N GLU A 257 -6.83 7.57 27.19
CA GLU A 257 -6.04 6.49 26.60
C GLU A 257 -6.18 5.26 27.47
N LEU A 258 -6.28 4.10 26.84
CA LEU A 258 -6.14 2.86 27.57
C LEU A 258 -4.64 2.53 27.56
N LEU A 259 -4.04 2.55 28.74
CA LEU A 259 -2.60 2.45 28.87
C LEU A 259 -2.20 1.08 29.40
N ILE A 260 -1.27 0.42 28.71
CA ILE A 260 -0.83 -0.94 29.04
C ILE A 260 0.68 -0.97 29.31
N PRO A 261 1.08 -1.45 30.49
CA PRO A 261 2.51 -1.58 30.82
C PRO A 261 3.16 -2.66 29.95
N LEU A 262 3.94 -2.23 28.98
CA LEU A 262 4.71 -3.18 28.20
C LEU A 262 6.15 -3.14 28.70
N ARG A 263 6.86 -2.07 28.37
CA ARG A 263 8.26 -1.94 28.80
C ARG A 263 8.46 -1.65 30.29
N SER A 264 7.54 -0.87 30.85
CA SER A 264 7.53 -0.59 32.30
C SER A 264 6.17 -0.04 32.69
N GLU A 265 5.81 -0.15 33.96
CA GLU A 265 4.52 0.38 34.43
C GLU A 265 4.55 1.90 34.64
N GLU A 266 5.76 2.45 34.69
CA GLU A 266 5.94 3.89 34.76
C GLU A 266 5.83 4.51 33.36
N GLN A 267 6.14 3.71 32.35
CA GLN A 267 6.06 4.15 30.96
C GLN A 267 5.21 3.21 30.11
N PRO A 268 3.88 3.23 30.34
CA PRO A 268 2.99 2.30 29.64
C PRO A 268 2.64 2.79 28.22
N THR A 269 2.10 1.90 27.41
CA THR A 269 1.81 2.19 26.02
C THR A 269 0.31 2.39 25.78
N ALA A 270 -0.03 3.48 25.11
CA ALA A 270 -1.42 3.73 24.80
C ALA A 270 -1.85 2.81 23.66
N CYS A 271 -2.75 1.88 23.96
CA CYS A 271 -3.20 0.93 22.94
C CYS A 271 -4.57 1.29 22.39
N MET A 272 -5.28 2.16 23.11
CA MET A 272 -6.55 2.72 22.66
C MET A 272 -6.68 4.17 23.03
N SER A 273 -7.43 4.93 22.24
CA SER A 273 -7.76 6.28 22.65
C SER A 273 -9.27 6.57 22.50
N PHE A 274 -9.74 7.51 23.30
CA PHE A 274 -11.14 7.89 23.29
C PHE A 274 -11.14 9.41 23.17
N ASN A 275 -11.64 9.89 22.04
CA ASN A 275 -11.43 11.28 21.65
C ASN A 275 -12.71 12.07 21.49
N TYR A 276 -12.76 13.23 22.13
CA TYR A 276 -13.84 14.17 21.91
C TYR A 276 -13.28 15.33 21.09
N HIS A 277 -13.87 15.59 19.93
CA HIS A 277 -13.42 16.70 19.07
C HIS A 277 -14.27 17.96 19.17
N ARG A 278 -15.34 17.92 19.98
CA ARG A 278 -16.33 19.00 20.00
C ARG A 278 -16.85 19.25 18.58
N GLU A 279 -16.95 20.52 18.20
CA GLU A 279 -17.54 20.91 16.91
C GLU A 279 -16.49 21.11 15.82
N HIS A 280 -15.21 20.89 16.17
CA HIS A 280 -14.10 21.08 15.23
C HIS A 280 -14.33 20.56 13.82
N PHE A 281 -14.71 19.29 13.68
CA PHE A 281 -14.97 18.73 12.36
C PHE A 281 -16.34 19.12 11.80
N GLY A 282 -17.31 19.33 12.68
CA GLY A 282 -18.64 19.77 12.26
C GLY A 282 -18.56 21.12 11.57
N THR A 283 -17.92 22.06 12.25
CA THR A 283 -17.59 23.35 11.72
C THR A 283 -16.80 23.28 10.39
N THR A 284 -15.69 22.55 10.38
CA THR A 284 -14.81 22.47 9.21
C THR A 284 -15.53 21.95 7.97
N TRP A 285 -16.36 20.93 8.16
CA TRP A 285 -17.02 20.27 7.04
C TRP A 285 -18.49 20.65 6.93
N GLY A 286 -18.93 21.58 7.77
CA GLY A 286 -20.31 22.05 7.74
C GLY A 286 -21.34 20.95 7.96
N ILE A 287 -21.08 20.09 8.96
CA ILE A 287 -22.04 19.05 9.30
C ILE A 287 -23.01 19.62 10.33
N GLN A 288 -24.30 19.46 10.07
CA GLN A 288 -25.36 19.97 10.95
C GLN A 288 -26.04 18.82 11.68
N ASP A 289 -26.16 18.93 13.00
CA ASP A 289 -26.97 17.93 13.72
C ASP A 289 -28.45 18.16 13.40
N ALA A 290 -29.31 17.35 14.00
CA ALA A 290 -30.75 17.41 13.72
C ALA A 290 -31.42 18.68 14.26
N ASN A 291 -30.68 19.50 15.00
CA ASN A 291 -31.22 20.72 15.60
C ASN A 291 -30.63 22.00 15.01
N GLY A 292 -30.20 21.93 13.75
CA GLY A 292 -29.68 23.06 13.03
C GLY A 292 -28.26 23.48 13.37
N GLU A 293 -27.69 22.85 14.40
CA GLU A 293 -26.41 23.27 14.96
C GLU A 293 -25.19 22.48 14.46
N PRO A 294 -24.01 23.12 14.47
CA PRO A 294 -22.77 22.43 14.06
C PRO A 294 -22.53 21.17 14.88
N ALA A 295 -22.41 20.03 14.20
CA ALA A 295 -22.28 18.72 14.83
C ALA A 295 -21.02 18.57 15.67
N HIS A 296 -21.13 17.83 16.76
CA HIS A 296 -19.96 17.38 17.49
C HIS A 296 -19.50 16.03 16.93
N THR A 297 -18.23 15.70 17.11
CA THR A 297 -17.73 14.39 16.70
C THR A 297 -16.82 13.83 17.77
N GLY A 298 -16.71 12.51 17.79
CA GLY A 298 -15.81 11.85 18.71
C GLY A 298 -15.41 10.53 18.11
N CYS A 299 -14.31 9.96 18.60
CA CYS A 299 -13.91 8.66 18.10
C CYS A 299 -13.23 7.81 19.16
N VAL A 300 -13.32 6.51 18.93
CA VAL A 300 -12.71 5.50 19.77
C VAL A 300 -11.73 4.80 18.87
N ALA A 301 -10.45 4.91 19.18
CA ALA A 301 -9.41 4.34 18.31
C ALA A 301 -8.69 3.15 18.94
N PHE A 302 -8.61 2.07 18.18
CA PHE A 302 -7.86 0.87 18.54
C PHE A 302 -6.56 0.80 17.72
N GLY A 303 -5.41 0.81 18.40
CA GLY A 303 -4.13 0.56 17.76
C GLY A 303 -3.96 -0.95 17.59
N MET A 304 -4.26 -1.46 16.40
CA MET A 304 -4.25 -2.89 16.16
C MET A 304 -2.89 -3.55 16.45
N ASP A 305 -1.81 -2.90 16.02
CA ASP A 305 -0.47 -3.42 16.20
C ASP A 305 -0.01 -3.33 17.66
N ARG A 306 -0.37 -2.25 18.33
CA ARG A 306 -0.07 -2.17 19.78
C ARG A 306 -0.83 -3.21 20.60
N LEU A 307 -2.10 -3.40 20.26
CA LEU A 307 -2.89 -4.44 20.93
C LEU A 307 -2.30 -5.82 20.70
N ALA A 308 -1.92 -6.10 19.44
CA ALA A 308 -1.31 -7.39 19.12
C ALA A 308 0.02 -7.60 19.84
N VAL A 309 0.87 -6.58 19.86
CA VAL A 309 2.12 -6.63 20.62
C VAL A 309 1.86 -6.82 22.14
N ALA A 310 0.89 -6.08 22.69
CA ALA A 310 0.49 -6.26 24.08
C ALA A 310 0.05 -7.70 24.36
N MET A 311 -0.69 -8.31 23.42
CA MET A 311 -1.13 -9.70 23.58
C MET A 311 0.06 -10.67 23.63
N PHE A 312 1.00 -10.51 22.72
CA PHE A 312 2.16 -11.39 22.68
C PHE A 312 3.10 -11.15 23.88
N HIS A 313 3.21 -9.90 24.34
CA HIS A 313 4.01 -9.57 25.51
C HIS A 313 3.44 -10.18 26.80
N THR A 314 2.12 -10.12 26.93
CA THR A 314 1.41 -10.63 28.09
C THR A 314 1.32 -12.15 28.11
N HIS A 315 0.97 -12.75 26.97
CA HIS A 315 0.64 -14.16 26.92
C HIS A 315 1.67 -15.04 26.24
N GLY A 316 2.63 -14.41 25.54
CA GLY A 316 3.69 -15.14 24.87
C GLY A 316 3.36 -15.54 23.44
N THR A 317 4.35 -16.11 22.75
CA THR A 317 4.27 -16.43 21.33
C THR A 317 3.79 -17.87 21.03
N ASP A 318 3.27 -18.54 22.06
CA ASP A 318 2.79 -19.92 21.98
C ASP A 318 1.29 -19.93 22.33
N LEU A 319 0.46 -19.99 21.28
CA LEU A 319 -0.98 -19.75 21.41
C LEU A 319 -1.67 -20.86 22.19
N SER A 320 -1.13 -22.06 22.07
CA SER A 320 -1.72 -23.19 22.79
C SER A 320 -1.64 -22.99 24.31
N ALA A 321 -0.65 -22.21 24.75
CA ALA A 321 -0.50 -21.92 26.18
C ALA A 321 -1.32 -20.75 26.70
N TRP A 322 -1.93 -19.97 25.80
CA TRP A 322 -2.70 -18.80 26.24
C TRP A 322 -3.84 -19.27 27.14
N PRO A 323 -4.24 -18.43 28.12
CA PRO A 323 -5.29 -18.83 29.06
C PRO A 323 -6.55 -19.25 28.32
N ALA A 324 -7.28 -20.21 28.89
CA ALA A 324 -8.47 -20.76 28.24
C ALA A 324 -9.50 -19.70 27.91
N LYS A 325 -9.65 -18.73 28.80
CA LYS A 325 -10.69 -17.71 28.66
C LYS A 325 -10.34 -16.74 27.53
N VAL A 326 -9.04 -16.48 27.37
CA VAL A 326 -8.55 -15.57 26.34
C VAL A 326 -8.65 -16.25 24.97
N ARG A 327 -8.24 -17.52 24.91
CA ARG A 327 -8.39 -18.33 23.70
C ARG A 327 -9.84 -18.39 23.27
N ASP A 328 -10.75 -18.44 24.24
CA ASP A 328 -12.18 -18.53 23.96
C ASP A 328 -12.74 -17.23 23.42
N ILE A 329 -12.49 -16.14 24.15
CA ILE A 329 -12.84 -14.77 23.73
C ILE A 329 -12.44 -14.47 22.28
N LEU A 330 -11.28 -14.98 21.87
CA LEU A 330 -10.72 -14.76 20.55
C LEU A 330 -11.18 -15.78 19.51
N GLY A 331 -11.88 -16.81 19.96
CA GLY A 331 -12.28 -17.89 19.06
C GLY A 331 -11.14 -18.76 18.54
N LEU A 332 -10.02 -18.81 19.25
CA LEU A 332 -8.94 -19.72 18.90
C LEU A 332 -9.38 -21.16 19.12
N ALA B 37 -20.00 7.21 -21.08
CA ALA B 37 -19.59 6.76 -19.75
C ALA B 37 -19.11 5.29 -19.74
N ASP B 38 -18.23 4.98 -18.81
CA ASP B 38 -17.65 3.64 -18.68
C ASP B 38 -18.70 2.61 -18.21
N PRO B 39 -18.62 1.38 -18.74
CA PRO B 39 -19.49 0.27 -18.33
C PRO B 39 -19.35 -0.09 -16.84
N LEU B 40 -18.20 0.20 -16.25
CA LEU B 40 -17.99 -0.11 -14.83
C LEU B 40 -18.58 0.94 -13.91
N ASP B 41 -18.79 2.15 -14.44
CA ASP B 41 -19.17 3.31 -13.63
C ASP B 41 -20.38 3.10 -12.75
N HIS B 42 -21.33 2.31 -13.21
CA HIS B 42 -22.56 2.07 -12.45
C HIS B 42 -22.28 1.34 -11.13
N LEU B 43 -21.13 0.67 -11.04
CA LEU B 43 -20.81 -0.12 -9.86
C LEU B 43 -20.47 0.77 -8.66
N ALA B 44 -20.13 2.03 -8.91
CA ALA B 44 -19.68 2.93 -7.84
C ALA B 44 -20.65 3.10 -6.67
N ASP B 45 -21.94 3.32 -6.98
CA ASP B 45 -22.94 3.62 -5.96
CA ASP B 45 -22.96 3.60 -5.97
C ASP B 45 -22.94 2.60 -4.84
N LYS B 46 -22.79 1.33 -5.19
CA LYS B 46 -22.86 0.25 -4.23
C LYS B 46 -21.50 -0.08 -3.59
N LEU B 47 -20.41 0.23 -4.28
CA LEU B 47 -19.10 -0.28 -3.87
C LEU B 47 -18.15 0.73 -3.22
N PHE B 48 -18.29 2.00 -3.56
CA PHE B 48 -17.29 3.00 -3.23
C PHE B 48 -17.89 4.30 -2.76
N HIS B 49 -17.06 5.15 -2.15
CA HIS B 49 -17.40 6.55 -1.89
C HIS B 49 -16.19 7.37 -2.28
N SER B 50 -16.44 8.59 -2.74
CA SER B 50 -15.36 9.48 -3.15
C SER B 50 -14.50 9.88 -1.97
N MET B 51 -13.20 9.89 -2.20
CA MET B 51 -12.26 10.42 -1.23
C MET B 51 -11.59 11.66 -1.78
N GLY B 52 -12.18 12.20 -2.85
CA GLY B 52 -11.73 13.46 -3.41
C GLY B 52 -10.53 13.29 -4.34
N SER B 53 -10.32 12.08 -4.84
CA SER B 53 -9.14 11.82 -5.65
C SER B 53 -9.34 10.58 -6.52
N ASP B 54 -9.11 10.75 -7.81
CA ASP B 54 -9.31 9.69 -8.78
C ASP B 54 -8.46 8.48 -8.45
N GLY B 55 -9.09 7.31 -8.44
CA GLY B 55 -8.39 6.08 -8.18
C GLY B 55 -8.15 5.83 -6.70
N VAL B 56 -8.78 6.60 -5.85
CA VAL B 56 -8.63 6.43 -4.41
C VAL B 56 -10.00 6.47 -3.75
N TYR B 57 -10.56 5.31 -3.44
CA TYR B 57 -11.93 5.25 -2.96
C TYR B 57 -12.08 4.54 -1.61
N ALA B 58 -13.06 5.01 -0.83
CA ALA B 58 -13.47 4.30 0.37
C ALA B 58 -14.29 3.10 -0.08
N ARG B 59 -14.11 1.99 0.62
CA ARG B 59 -14.78 0.74 0.26
C ARG B 59 -15.98 0.49 1.14
N THR B 60 -17.12 0.12 0.54
CA THR B 60 -18.31 -0.18 1.33
C THR B 60 -18.20 -1.57 1.94
N ALA B 61 -19.01 -1.85 2.96
CA ALA B 61 -19.05 -3.18 3.55
C ALA B 61 -19.31 -4.25 2.47
N LEU B 62 -20.22 -3.95 1.55
CA LEU B 62 -20.55 -4.89 0.47
C LEU B 62 -19.29 -5.27 -0.32
N TYR B 63 -18.55 -4.27 -0.76
CA TYR B 63 -17.31 -4.48 -1.48
C TYR B 63 -16.28 -5.28 -0.67
N GLU B 64 -16.06 -4.88 0.59
CA GLU B 64 -15.04 -5.52 1.41
C GLU B 64 -15.33 -6.96 1.71
N SER B 65 -16.62 -7.31 1.80
CA SER B 65 -16.95 -8.70 2.12
C SER B 65 -16.50 -9.62 0.98
N ILE B 66 -16.52 -9.11 -0.25
CA ILE B 66 -16.12 -9.89 -1.42
C ILE B 66 -14.60 -9.93 -1.60
N VAL B 67 -13.94 -8.81 -1.36
CA VAL B 67 -12.48 -8.80 -1.27
C VAL B 67 -12.02 -9.79 -0.22
N GLU B 68 -12.65 -9.76 0.96
CA GLU B 68 -12.26 -10.72 2.00
C GLU B 68 -12.51 -12.18 1.57
N ARG B 69 -13.66 -12.46 0.93
CA ARG B 69 -13.97 -13.84 0.56
C ARG B 69 -13.04 -14.34 -0.55
N LEU B 70 -12.68 -13.44 -1.46
CA LEU B 70 -11.69 -13.73 -2.49
C LEU B 70 -10.30 -14.03 -1.87
N ALA B 71 -9.93 -13.27 -0.84
CA ALA B 71 -8.67 -13.52 -0.13
C ALA B 71 -8.66 -14.90 0.53
N ALA B 72 -9.76 -15.25 1.19
CA ALA B 72 -9.92 -16.55 1.82
C ALA B 72 -9.84 -17.69 0.79
N LEU B 73 -10.50 -17.49 -0.36
CA LEU B 73 -10.44 -18.49 -1.43
C LEU B 73 -9.00 -18.72 -1.88
N ILE B 74 -8.32 -17.64 -2.24
CA ILE B 74 -6.93 -17.75 -2.64
C ILE B 74 -6.09 -18.47 -1.58
N THR B 75 -6.31 -18.13 -0.32
CA THR B 75 -5.59 -18.71 0.80
C THR B 75 -5.87 -20.20 0.88
N SER B 76 -7.08 -20.59 0.50
CA SER B 76 -7.41 -22.01 0.55
C SER B 76 -6.65 -22.82 -0.52
N HIS B 77 -6.05 -22.15 -1.50
CA HIS B 77 -5.26 -22.87 -2.48
C HIS B 77 -3.76 -22.78 -2.20
N ARG B 78 -3.39 -22.32 -1.02
CA ARG B 78 -1.99 -22.19 -0.71
C ARG B 78 -1.30 -23.55 -0.67
N GLU B 79 -0.11 -23.65 -1.23
CA GLU B 79 0.58 -24.92 -1.19
C GLU B 79 1.25 -25.06 0.15
N ALA B 80 1.20 -26.26 0.70
CA ALA B 80 1.93 -26.64 1.90
C ALA B 80 3.40 -26.20 1.79
N GLY B 81 3.98 -25.71 2.90
CA GLY B 81 5.35 -25.20 2.91
C GLY B 81 5.49 -23.73 2.46
N THR B 82 4.37 -23.04 2.26
CA THR B 82 4.45 -21.67 1.76
C THR B 82 4.43 -20.71 2.93
N GLU B 83 5.50 -19.93 3.07
CA GLU B 83 5.65 -19.01 4.19
C GLU B 83 4.84 -17.73 3.92
N ALA B 84 3.83 -17.46 4.75
CA ALA B 84 2.99 -16.28 4.57
C ALA B 84 3.54 -15.04 5.30
N LEU B 85 3.74 -13.95 4.56
CA LEU B 85 4.16 -12.68 5.13
C LEU B 85 3.24 -11.56 4.68
N ARG B 86 2.99 -10.63 5.57
CA ARG B 86 2.20 -9.47 5.23
C ARG B 86 3.07 -8.22 5.35
N PHE B 87 3.10 -7.43 4.28
CA PHE B 87 3.86 -6.20 4.23
C PHE B 87 2.95 -4.97 4.38
N PRO B 88 3.47 -3.93 5.03
CA PRO B 88 2.77 -2.64 5.11
C PRO B 88 2.80 -1.93 3.74
N PRO B 89 2.09 -0.79 3.61
CA PRO B 89 2.06 -0.13 2.28
C PRO B 89 3.30 0.67 1.93
N VAL B 90 4.28 0.70 2.82
CA VAL B 90 5.52 1.40 2.54
C VAL B 90 6.69 0.41 2.64
N MET B 91 7.79 0.72 1.95
CA MET B 91 8.99 -0.11 2.02
C MET B 91 10.24 0.74 1.89
N SER B 92 11.38 0.14 2.17
CA SER B 92 12.64 0.85 2.06
C SER B 92 12.87 1.37 0.66
N ARG B 93 13.21 2.65 0.53
CA ARG B 93 13.50 3.24 -0.78
C ARG B 93 14.78 2.64 -1.38
N ALA B 94 15.80 2.43 -0.53
CA ALA B 94 17.06 1.83 -0.99
C ALA B 94 16.82 0.44 -1.59
N GLN B 95 16.02 -0.36 -0.89
CA GLN B 95 15.62 -1.68 -1.39
C GLN B 95 14.92 -1.61 -2.74
N LEU B 96 13.96 -0.71 -2.87
CA LEU B 96 13.27 -0.53 -4.13
C LEU B 96 14.20 -0.02 -5.24
N GLU B 97 15.08 0.93 -4.90
CA GLU B 97 16.06 1.43 -5.86
C GLU B 97 16.95 0.29 -6.35
N LYS B 98 17.43 -0.50 -5.41
CA LYS B 98 18.32 -1.59 -5.71
C LYS B 98 17.63 -2.65 -6.58
N SER B 99 16.30 -2.75 -6.46
CA SER B 99 15.56 -3.76 -7.20
C SER B 99 15.35 -3.38 -8.64
N GLY B 100 15.75 -2.17 -9.00
CA GLY B 100 15.66 -1.73 -10.39
C GLY B 100 14.35 -1.11 -10.85
N TYR B 101 13.48 -0.76 -9.90
CA TYR B 101 12.19 -0.17 -10.25
C TYR B 101 12.27 1.18 -10.98
N LEU B 102 13.17 2.07 -10.54
CA LEU B 102 13.36 3.36 -11.17
C LEU B 102 13.68 3.19 -12.64
N LYS B 103 14.58 2.27 -12.93
CA LYS B 103 15.00 1.97 -14.27
C LYS B 103 13.84 1.49 -15.17
N SER B 104 12.76 1.01 -14.57
CA SER B 104 11.68 0.42 -15.36
C SER B 104 10.40 1.24 -15.38
N PHE B 105 9.97 1.68 -14.19
CA PHE B 105 8.72 2.43 -14.04
C PHE B 105 8.88 3.65 -13.13
N PRO B 106 9.80 4.57 -13.47
CA PRO B 106 10.03 5.72 -12.58
C PRO B 106 8.80 6.59 -12.44
N ASN B 107 7.91 6.56 -13.42
CA ASN B 107 6.71 7.40 -13.39
C ASN B 107 5.55 6.83 -12.60
N LEU B 108 5.65 5.56 -12.18
CA LEU B 108 4.55 4.97 -11.42
C LEU B 108 4.83 5.07 -9.94
N LEU B 109 6.08 5.36 -9.62
CA LEU B 109 6.57 5.37 -8.24
C LEU B 109 6.03 6.48 -7.34
N GLY B 110 5.56 6.09 -6.18
CA GLY B 110 5.15 7.02 -5.15
C GLY B 110 6.19 7.02 -4.05
N CYS B 111 6.75 8.18 -3.78
CA CYS B 111 7.77 8.32 -2.74
CA CYS B 111 7.75 8.30 -2.72
C CYS B 111 7.17 8.97 -1.50
N VAL B 112 7.74 8.66 -0.34
CA VAL B 112 7.33 9.31 0.89
C VAL B 112 8.23 10.50 1.17
N CYS B 113 7.62 11.67 1.34
CA CYS B 113 8.38 12.85 1.71
CA CYS B 113 8.40 12.84 1.73
C CYS B 113 7.83 13.43 3.00
N GLY B 114 8.64 14.24 3.69
CA GLY B 114 8.18 14.84 4.92
C GLY B 114 8.82 16.17 5.22
N LEU B 115 8.39 16.80 6.30
CA LEU B 115 8.99 18.04 6.77
C LEU B 115 10.10 17.67 7.73
N HIS B 116 11.33 17.67 7.24
CA HIS B 116 12.45 17.13 8.02
C HIS B 116 13.32 18.23 8.57
N GLY B 117 12.95 19.48 8.28
CA GLY B 117 13.74 20.62 8.71
C GLY B 117 13.60 20.94 10.19
N THR B 118 14.10 22.11 10.59
CA THR B 118 14.04 22.56 11.96
C THR B 118 12.62 22.99 12.31
N GLU B 119 12.37 23.13 13.61
CA GLU B 119 11.05 23.55 14.05
C GLU B 119 10.69 24.95 13.52
N ARG B 120 11.69 25.83 13.40
CA ARG B 120 11.47 27.15 12.82
C ARG B 120 11.08 27.02 11.34
N GLU B 121 11.86 26.24 10.59
CA GLU B 121 11.53 25.93 9.21
C GLU B 121 10.13 25.34 9.03
N ILE B 122 9.75 24.41 9.90
CA ILE B 122 8.45 23.75 9.80
C ILE B 122 7.32 24.72 10.12
N ASN B 123 7.51 25.53 11.16
CA ASN B 123 6.56 26.58 11.48
C ASN B 123 6.39 27.56 10.32
N ALA B 124 7.49 27.99 9.72
CA ALA B 124 7.39 28.91 8.58
C ALA B 124 6.60 28.25 7.45
N ALA B 125 6.87 26.97 7.17
CA ALA B 125 6.13 26.32 6.11
C ALA B 125 4.61 26.32 6.36
N VAL B 126 4.21 26.09 7.61
CA VAL B 126 2.80 26.11 7.97
C VAL B 126 2.17 27.52 7.88
N SER B 127 2.92 28.53 8.30
CA SER B 127 2.48 29.91 8.19
C SER B 127 2.32 30.35 6.72
N ARG B 128 3.19 29.85 5.83
CA ARG B 128 3.04 30.09 4.40
C ARG B 128 1.72 29.49 3.89
N PHE B 129 1.44 28.27 4.35
CA PHE B 129 0.18 27.62 4.05
C PHE B 129 -1.02 28.44 4.53
N ASP B 130 -0.94 28.97 5.76
CA ASP B 130 -1.99 29.83 6.30
C ASP B 130 -2.22 31.10 5.48
N ALA B 131 -1.14 31.60 4.88
CA ALA B 131 -1.16 32.86 4.15
C ALA B 131 -1.31 32.62 2.64
N GLY B 132 -1.91 31.49 2.26
CA GLY B 132 -2.26 31.24 0.87
C GLY B 132 -1.14 30.72 -0.01
N GLY B 133 -0.01 30.41 0.58
CA GLY B 133 1.12 29.89 -0.18
C GLY B 133 1.21 28.39 -0.07
N ASP B 134 2.37 27.86 -0.40
CA ASP B 134 2.56 26.41 -0.57
C ASP B 134 3.57 25.84 0.43
N TRP B 135 3.06 25.12 1.43
CA TRP B 135 3.92 24.56 2.48
C TRP B 135 4.83 23.46 1.97
N THR B 136 4.50 22.86 0.82
CA THR B 136 5.21 21.67 0.35
C THR B 136 6.62 21.94 -0.16
N THR B 137 6.98 23.21 -0.31
CA THR B 137 8.35 23.52 -0.73
C THR B 137 9.34 23.13 0.38
N SER B 138 8.84 22.83 1.57
CA SER B 138 9.70 22.40 2.67
C SER B 138 9.79 20.87 2.83
N LEU B 139 9.13 20.14 1.92
CA LEU B 139 9.16 18.69 1.92
C LEU B 139 10.52 18.19 1.45
N SER B 140 11.07 17.19 2.13
CA SER B 140 12.23 16.47 1.63
C SER B 140 11.96 14.96 1.64
N PRO B 141 12.61 14.20 0.76
CA PRO B 141 12.35 12.77 0.63
C PRO B 141 12.66 12.03 1.90
N ALA B 142 11.84 11.03 2.22
CA ALA B 142 12.16 10.14 3.33
C ALA B 142 12.89 8.90 2.78
N ASP B 143 13.13 7.95 3.64
CA ASP B 143 13.84 6.74 3.25
C ASP B 143 12.84 5.66 2.90
N LEU B 144 11.59 6.05 2.67
CA LEU B 144 10.53 5.12 2.37
C LEU B 144 9.83 5.44 1.05
N VAL B 145 9.39 4.39 0.36
CA VAL B 145 8.46 4.55 -0.75
C VAL B 145 7.16 3.80 -0.48
N LEU B 146 6.10 4.17 -1.20
CA LEU B 146 4.89 3.36 -1.23
C LEU B 146 5.18 2.18 -2.16
N SER B 147 4.81 0.99 -1.73
CA SER B 147 5.18 -0.22 -2.45
C SER B 147 4.44 -0.34 -3.76
N PRO B 148 5.18 -0.53 -4.85
CA PRO B 148 4.49 -0.66 -6.15
C PRO B 148 4.04 -2.09 -6.40
N ALA B 149 4.61 -3.04 -5.68
CA ALA B 149 4.24 -4.44 -5.84
C ALA B 149 4.46 -5.16 -4.52
N ALA B 150 3.63 -6.17 -4.25
CA ALA B 150 3.70 -6.89 -2.99
C ALA B 150 5.01 -7.61 -2.78
N CYS B 151 5.60 -8.13 -3.85
CA CYS B 151 6.73 -9.04 -3.71
C CYS B 151 8.11 -8.43 -3.42
N TYR B 152 8.34 -7.17 -3.75
CA TYR B 152 9.69 -6.60 -3.63
C TYR B 152 10.39 -6.79 -2.28
N PRO B 153 9.66 -6.59 -1.17
CA PRO B 153 10.41 -6.77 0.07
C PRO B 153 10.80 -8.22 0.35
N VAL B 154 10.25 -9.20 -0.36
CA VAL B 154 10.49 -10.59 0.04
C VAL B 154 11.91 -11.07 -0.32
N TYR B 155 12.48 -10.51 -1.38
CA TYR B 155 13.79 -10.98 -1.87
C TYR B 155 14.94 -10.72 -0.89
N PRO B 156 15.08 -9.48 -0.38
CA PRO B 156 16.11 -9.28 0.64
C PRO B 156 15.85 -10.12 1.88
N ILE B 157 14.59 -10.37 2.18
CA ILE B 157 14.31 -11.22 3.33
C ILE B 157 14.78 -12.65 3.05
N ALA B 158 14.48 -13.16 1.86
CA ALA B 158 14.99 -14.48 1.45
C ALA B 158 16.52 -14.53 1.44
N ALA B 159 17.16 -13.51 0.86
CA ALA B 159 18.62 -13.45 0.81
C ALA B 159 19.30 -13.60 2.18
N SER B 160 18.68 -13.06 3.22
CA SER B 160 19.31 -13.01 4.54
C SER B 160 19.41 -14.39 5.20
N ARG B 161 18.85 -15.39 4.55
CA ARG B 161 18.81 -16.73 5.12
C ARG B 161 19.89 -17.65 4.57
N GLY B 162 20.67 -17.15 3.61
CA GLY B 162 21.74 -17.95 3.05
C GLY B 162 21.28 -18.73 1.82
N PRO B 163 21.98 -19.82 1.50
CA PRO B 163 21.67 -20.62 0.32
C PRO B 163 20.28 -21.23 0.40
N LEU B 164 19.58 -21.32 -0.73
CA LEU B 164 18.25 -21.92 -0.76
C LEU B 164 18.36 -23.42 -0.55
N PRO B 165 17.37 -24.05 0.08
CA PRO B 165 17.40 -25.51 0.17
C PRO B 165 16.98 -26.08 -1.17
N LYS B 166 17.18 -27.38 -1.38
CA LYS B 166 16.79 -28.01 -2.64
C LYS B 166 15.29 -27.86 -2.79
N GLY B 167 14.84 -27.43 -3.96
CA GLY B 167 13.42 -27.21 -4.19
C GLY B 167 13.03 -25.76 -4.06
N GLY B 168 13.92 -24.94 -3.51
CA GLY B 168 13.71 -23.50 -3.41
C GLY B 168 12.86 -23.07 -2.22
N LEU B 169 12.42 -21.82 -2.23
CA LEU B 169 11.53 -21.32 -1.18
C LEU B 169 10.24 -20.80 -1.80
N ARG B 170 9.16 -20.85 -1.03
CA ARG B 170 7.88 -20.34 -1.49
C ARG B 170 7.28 -19.40 -0.46
N PHE B 171 6.82 -18.25 -0.94
CA PHE B 171 6.24 -17.24 -0.08
C PHE B 171 4.84 -16.84 -0.52
N ASP B 172 4.01 -16.52 0.47
CA ASP B 172 2.68 -15.97 0.27
C ASP B 172 2.77 -14.54 0.80
N VAL B 173 2.71 -13.54 -0.09
CA VAL B 173 2.86 -12.17 0.34
C VAL B 173 1.63 -11.34 -0.04
N ALA B 174 1.44 -10.22 0.65
CA ALA B 174 0.32 -9.33 0.37
C ALA B 174 0.68 -7.92 0.82
N ALA B 175 0.15 -6.93 0.12
CA ALA B 175 0.45 -5.55 0.43
C ALA B 175 -0.57 -4.66 -0.25
N ASP B 176 -0.90 -3.55 0.40
CA ASP B 176 -1.55 -2.47 -0.30
C ASP B 176 -0.47 -1.78 -1.19
N CYS B 177 -0.70 -1.78 -2.48
CA CYS B 177 0.27 -1.22 -3.39
C CYS B 177 -0.16 0.13 -3.92
N PHE B 178 0.80 0.84 -4.49
CA PHE B 178 0.56 2.16 -5.00
C PHE B 178 1.23 2.35 -6.35
N ARG B 179 0.48 2.89 -7.29
CA ARG B 179 1.00 3.23 -8.61
C ARG B 179 0.43 4.56 -9.04
N ARG B 180 1.31 5.50 -9.36
CA ARG B 180 0.90 6.87 -9.69
C ARG B 180 0.28 6.93 -11.09
N GLU B 181 -0.90 6.33 -11.24
CA GLU B 181 -1.65 6.38 -12.49
C GLU B 181 -3.13 6.79 -12.31
N PRO B 182 -3.38 8.08 -12.06
CA PRO B 182 -4.73 8.59 -11.86
C PRO B 182 -5.64 8.25 -13.02
N SER B 183 -6.84 7.76 -12.70
CA SER B 183 -7.82 7.38 -13.71
C SER B 183 -9.17 7.36 -13.04
N LYS B 184 -10.25 7.44 -13.81
CA LYS B 184 -11.60 7.42 -13.27
C LYS B 184 -12.25 6.06 -13.40
N HIS B 185 -11.60 5.16 -14.14
CA HIS B 185 -12.13 3.81 -14.30
C HIS B 185 -11.93 2.98 -13.01
N LEU B 186 -12.98 2.29 -12.61
CA LEU B 186 -12.99 1.55 -11.36
C LEU B 186 -12.00 0.40 -11.35
N ASP B 187 -11.49 0.04 -12.53
CA ASP B 187 -10.51 -1.02 -12.62
C ASP B 187 -9.08 -0.49 -12.76
N ARG B 188 -8.91 0.82 -12.57
CA ARG B 188 -7.58 1.40 -12.54
C ARG B 188 -7.41 2.34 -11.34
N LEU B 189 -6.82 1.82 -10.27
CA LEU B 189 -6.72 2.57 -9.03
C LEU B 189 -5.30 3.06 -8.81
N GLN B 190 -5.12 4.04 -7.93
CA GLN B 190 -3.75 4.35 -7.49
C GLN B 190 -3.34 3.50 -6.31
N SER B 191 -4.29 3.15 -5.45
CA SER B 191 -4.02 2.35 -4.28
C SER B 191 -4.84 1.08 -4.34
N PHE B 192 -4.19 -0.08 -4.35
CA PHE B 192 -4.91 -1.33 -4.56
C PHE B 192 -4.21 -2.53 -3.87
N ARG B 193 -4.97 -3.59 -3.58
CA ARG B 193 -4.43 -4.76 -2.90
C ARG B 193 -3.85 -5.77 -3.87
N MET B 194 -2.61 -6.20 -3.61
CA MET B 194 -2.01 -7.29 -4.37
C MET B 194 -1.72 -8.47 -3.43
N ARG B 195 -2.01 -9.67 -3.92
CA ARG B 195 -1.70 -10.91 -3.24
C ARG B 195 -0.83 -11.70 -4.21
N GLU B 196 0.30 -12.21 -3.73
CA GLU B 196 1.17 -13.00 -4.59
C GLU B 196 1.67 -14.28 -3.93
N TYR B 197 1.81 -15.34 -4.74
CA TYR B 197 2.64 -16.47 -4.35
C TYR B 197 3.96 -16.36 -5.10
N VAL B 198 5.07 -16.44 -4.38
CA VAL B 198 6.37 -16.18 -4.95
C VAL B 198 7.24 -17.43 -4.85
N CYS B 199 7.96 -17.73 -5.92
CA CYS B 199 8.88 -18.84 -5.93
C CYS B 199 10.33 -18.36 -6.14
N ILE B 200 11.24 -18.87 -5.31
CA ILE B 200 12.65 -18.53 -5.41
C ILE B 200 13.42 -19.85 -5.45
N GLY B 201 14.16 -20.11 -6.53
CA GLY B 201 14.92 -21.35 -6.67
C GLY B 201 15.65 -21.51 -8.01
N THR B 202 15.85 -22.75 -8.44
CA THR B 202 16.45 -22.99 -9.76
C THR B 202 15.43 -22.61 -10.84
N PRO B 203 15.88 -22.49 -12.10
CA PRO B 203 14.92 -22.25 -13.19
C PRO B 203 13.85 -23.33 -13.25
N ASP B 204 14.21 -24.59 -13.03
CA ASP B 204 13.23 -25.67 -13.04
C ASP B 204 12.17 -25.46 -11.97
N ASP B 205 12.59 -25.05 -10.77
CA ASP B 205 11.64 -24.74 -9.69
C ASP B 205 10.64 -23.67 -10.12
N VAL B 206 11.14 -22.54 -10.65
CA VAL B 206 10.26 -21.42 -11.00
C VAL B 206 9.31 -21.76 -12.14
N SER B 207 9.77 -22.45 -13.18
CA SER B 207 8.86 -22.72 -14.30
C SER B 207 7.82 -23.79 -13.99
N ASP B 208 8.22 -24.79 -13.20
CA ASP B 208 7.26 -25.76 -12.70
C ASP B 208 6.16 -25.05 -11.92
N PHE B 209 6.59 -24.14 -11.04
CA PHE B 209 5.72 -23.31 -10.23
C PHE B 209 4.77 -22.45 -11.06
N ARG B 210 5.29 -21.74 -12.06
CA ARG B 210 4.44 -20.89 -12.87
C ARG B 210 3.48 -21.73 -13.70
N GLU B 211 3.95 -22.89 -14.14
CA GLU B 211 3.11 -23.80 -14.90
C GLU B 211 1.92 -24.21 -14.07
N ARG B 212 2.18 -24.73 -12.88
CA ARG B 212 1.07 -25.14 -12.01
C ARG B 212 0.14 -23.96 -11.61
N TRP B 213 0.70 -22.79 -11.30
CA TRP B 213 -0.18 -21.68 -10.96
C TRP B 213 -1.02 -21.16 -12.14
N MET B 214 -0.50 -21.27 -13.37
CA MET B 214 -1.32 -20.90 -14.51
C MET B 214 -2.56 -21.79 -14.65
N VAL B 215 -2.40 -23.07 -14.38
CA VAL B 215 -3.54 -23.97 -14.37
C VAL B 215 -4.49 -23.67 -13.21
N ARG B 216 -3.97 -23.54 -11.99
CA ARG B 216 -4.84 -23.31 -10.83
C ARG B 216 -5.58 -21.96 -10.88
N ALA B 217 -4.91 -20.94 -11.41
CA ALA B 217 -5.50 -19.61 -11.46
C ALA B 217 -6.72 -19.61 -12.39
N GLN B 218 -6.61 -20.31 -13.52
CA GLN B 218 -7.74 -20.44 -14.42
C GLN B 218 -8.86 -21.21 -13.76
N ALA B 219 -8.53 -22.32 -13.11
CA ALA B 219 -9.54 -23.09 -12.35
C ALA B 219 -10.29 -22.22 -11.35
N ILE B 220 -9.58 -21.36 -10.63
CA ILE B 220 -10.23 -20.44 -9.69
C ILE B 220 -11.13 -19.45 -10.43
N ALA B 221 -10.62 -18.88 -11.50
CA ALA B 221 -11.40 -17.94 -12.30
C ALA B 221 -12.65 -18.65 -12.81
N ARG B 222 -12.50 -19.92 -13.17
CA ARG B 222 -13.62 -20.69 -13.68
C ARG B 222 -14.65 -20.93 -12.57
N ASP B 223 -14.18 -21.41 -11.41
CA ASP B 223 -15.06 -21.64 -10.26
C ASP B 223 -15.82 -20.38 -9.84
N LEU B 224 -15.21 -19.22 -10.04
CA LEU B 224 -15.86 -17.93 -9.77
C LEU B 224 -16.77 -17.44 -10.89
N GLY B 225 -16.97 -18.28 -11.91
CA GLY B 225 -17.84 -17.92 -13.02
C GLY B 225 -17.39 -16.71 -13.82
N LEU B 226 -16.08 -16.53 -13.94
CA LEU B 226 -15.55 -15.38 -14.68
C LEU B 226 -15.20 -15.80 -16.09
N THR B 227 -15.39 -14.87 -17.04
CA THR B 227 -15.01 -15.06 -18.43
C THR B 227 -13.63 -14.51 -18.64
N PHE B 228 -12.71 -15.36 -19.07
CA PHE B 228 -11.33 -14.94 -19.11
C PHE B 228 -10.57 -15.64 -20.21
N ARG B 229 -9.45 -15.06 -20.60
CA ARG B 229 -8.46 -15.75 -21.39
C ARG B 229 -7.09 -15.46 -20.80
N VAL B 230 -6.12 -16.29 -21.14
CA VAL B 230 -4.76 -16.09 -20.68
C VAL B 230 -3.91 -15.83 -21.90
N ASP B 231 -3.13 -14.76 -21.84
CA ASP B 231 -2.32 -14.32 -22.98
C ASP B 231 -0.95 -13.84 -22.57
N TYR B 232 0.00 -13.81 -23.50
CA TYR B 232 1.29 -13.21 -23.23
C TYR B 232 1.05 -11.74 -23.01
N ALA B 233 2.02 -11.08 -22.39
CA ALA B 233 1.87 -9.68 -22.06
C ALA B 233 3.22 -9.08 -21.77
N SER B 234 3.26 -7.76 -21.66
CA SER B 234 4.44 -7.07 -21.20
C SER B 234 4.07 -6.05 -20.14
N ASP B 235 5.09 -5.53 -19.45
CA ASP B 235 4.89 -4.47 -18.47
C ASP B 235 5.08 -3.11 -19.16
N PRO B 236 4.39 -2.06 -18.67
CA PRO B 236 4.57 -0.76 -19.32
C PRO B 236 5.91 -0.13 -18.93
N PHE B 237 7.03 -0.69 -19.41
CA PHE B 237 8.33 -0.08 -19.19
C PHE B 237 8.34 1.34 -19.74
N PHE B 238 9.17 2.19 -19.17
CA PHE B 238 9.09 3.62 -19.45
C PHE B 238 10.12 4.07 -20.47
N GLY B 239 9.69 4.96 -21.35
CA GLY B 239 10.59 5.56 -22.31
C GLY B 239 10.65 4.81 -23.64
N ARG B 240 11.55 5.26 -24.51
CA ARG B 240 11.66 4.67 -25.83
C ARG B 240 12.21 3.26 -25.71
N VAL B 241 13.36 3.14 -25.05
CA VAL B 241 13.98 1.83 -24.79
C VAL B 241 13.01 0.87 -24.10
N GLY B 242 12.16 1.41 -23.22
CA GLY B 242 11.19 0.61 -22.52
C GLY B 242 10.35 -0.27 -23.43
N GLN B 243 10.00 0.27 -24.61
CA GLN B 243 9.19 -0.46 -25.59
C GLN B 243 9.91 -1.70 -26.12
N MET B 244 11.24 -1.62 -26.15
CA MET B 244 12.08 -2.74 -26.58
C MET B 244 12.14 -3.78 -25.47
N LYS B 245 12.28 -3.30 -24.24
CA LYS B 245 12.21 -4.16 -23.07
C LYS B 245 10.89 -4.93 -23.05
N ALA B 246 9.81 -4.26 -23.42
CA ALA B 246 8.52 -4.92 -23.58
C ALA B 246 8.60 -6.00 -24.65
N VAL B 247 9.23 -5.66 -25.77
CA VAL B 247 9.35 -6.56 -26.90
C VAL B 247 10.07 -7.83 -26.47
N SER B 248 11.24 -7.66 -25.87
CA SER B 248 12.03 -8.78 -25.38
C SER B 248 11.25 -9.58 -24.33
N GLN B 249 10.44 -8.89 -23.53
CA GLN B 249 9.66 -9.54 -22.49
C GLN B 249 8.57 -10.40 -23.11
N LYS B 250 7.91 -9.87 -24.14
CA LYS B 250 6.87 -10.60 -24.83
C LYS B 250 7.46 -11.80 -25.59
N GLN B 251 8.68 -11.64 -26.10
CA GLN B 251 9.37 -12.66 -26.89
C GLN B 251 9.85 -13.83 -26.04
N GLN B 252 10.35 -13.51 -24.85
CA GLN B 252 10.77 -14.50 -23.88
C GLN B 252 9.58 -15.08 -23.12
N GLN B 253 8.41 -14.48 -23.31
CA GLN B 253 7.20 -14.90 -22.63
C GLN B 253 7.38 -14.97 -21.12
N LEU B 254 8.09 -13.99 -20.58
CA LEU B 254 8.30 -13.88 -19.15
C LEU B 254 7.02 -13.50 -18.40
N LYS B 255 5.98 -13.10 -19.12
CA LYS B 255 4.77 -12.62 -18.47
C LYS B 255 3.45 -13.00 -19.15
N PHE B 256 2.58 -13.64 -18.38
CA PHE B 256 1.22 -13.94 -18.80
C PHE B 256 0.23 -13.15 -17.93
N GLU B 257 -0.99 -13.01 -18.42
CA GLU B 257 -2.01 -12.29 -17.70
C GLU B 257 -3.32 -13.00 -17.91
N LEU B 258 -4.12 -13.06 -16.85
CA LEU B 258 -5.48 -13.54 -16.97
C LEU B 258 -6.31 -12.29 -17.21
N LEU B 259 -7.00 -12.28 -18.34
CA LEU B 259 -7.70 -11.11 -18.81
C LEU B 259 -9.20 -11.33 -18.79
N ILE B 260 -9.92 -10.37 -18.25
CA ILE B 260 -11.36 -10.46 -18.17
C ILE B 260 -11.92 -9.25 -18.87
N PRO B 261 -12.87 -9.47 -19.79
CA PRO B 261 -13.53 -8.36 -20.47
C PRO B 261 -14.46 -7.65 -19.49
N LEU B 262 -14.19 -6.37 -19.20
CA LEU B 262 -15.08 -5.61 -18.33
C LEU B 262 -15.81 -4.49 -19.07
N ARG B 263 -15.07 -3.62 -19.73
CA ARG B 263 -15.73 -2.61 -20.56
C ARG B 263 -15.98 -3.16 -21.94
N SER B 264 -14.94 -3.74 -22.51
CA SER B 264 -15.01 -4.28 -23.85
C SER B 264 -14.19 -5.56 -23.93
N GLU B 265 -14.47 -6.35 -24.96
CA GLU B 265 -13.69 -7.53 -25.26
C GLU B 265 -12.36 -7.12 -25.93
N GLU B 266 -12.32 -5.88 -26.43
CA GLU B 266 -11.15 -5.38 -27.15
C GLU B 266 -10.02 -4.95 -26.21
N GLN B 267 -10.40 -4.42 -25.05
CA GLN B 267 -9.44 -4.04 -24.02
C GLN B 267 -9.88 -4.69 -22.71
N PRO B 268 -9.47 -5.95 -22.50
CA PRO B 268 -9.87 -6.62 -21.26
C PRO B 268 -8.94 -6.23 -20.11
N THR B 269 -9.44 -6.41 -18.90
CA THR B 269 -8.73 -6.00 -17.71
C THR B 269 -7.90 -7.15 -17.13
N ALA B 270 -6.60 -6.93 -16.99
CA ALA B 270 -5.68 -7.93 -16.44
C ALA B 270 -5.85 -8.07 -14.93
N CYS B 271 -6.35 -9.23 -14.49
CA CYS B 271 -6.74 -9.45 -13.11
C CYS B 271 -5.76 -10.34 -12.36
N MET B 272 -4.91 -11.05 -13.10
CA MET B 272 -3.86 -11.84 -12.51
C MET B 272 -2.69 -11.78 -13.44
N SER B 273 -1.49 -11.99 -12.90
CA SER B 273 -0.32 -12.07 -13.75
C SER B 273 0.58 -13.22 -13.31
N PHE B 274 1.38 -13.69 -14.25
CA PHE B 274 2.23 -14.83 -14.02
C PHE B 274 3.59 -14.46 -14.55
N ASN B 275 4.49 -14.16 -13.64
CA ASN B 275 5.73 -13.51 -14.00
C ASN B 275 6.96 -14.37 -13.74
N TYR B 276 7.86 -14.39 -14.71
CA TYR B 276 9.11 -15.06 -14.59
C TYR B 276 10.18 -13.95 -14.68
N HIS B 277 11.02 -13.85 -13.66
CA HIS B 277 11.99 -12.77 -13.56
C HIS B 277 13.39 -13.21 -14.00
N ARG B 278 13.50 -14.47 -14.41
CA ARG B 278 14.81 -15.13 -14.59
C ARG B 278 15.66 -14.87 -13.36
N GLU B 279 16.91 -14.47 -13.55
CA GLU B 279 17.85 -14.35 -12.44
C GLU B 279 18.02 -12.91 -11.87
N HIS B 280 17.15 -12.01 -12.29
CA HIS B 280 17.23 -10.59 -11.92
C HIS B 280 17.34 -10.33 -10.40
N PHE B 281 16.30 -10.70 -9.65
CA PHE B 281 16.33 -10.55 -8.20
C PHE B 281 17.37 -11.44 -7.54
N GLY B 282 17.56 -12.64 -8.08
CA GLY B 282 18.59 -13.53 -7.56
C GLY B 282 19.97 -12.90 -7.61
N THR B 283 20.28 -12.28 -8.73
CA THR B 283 21.55 -11.59 -8.91
C THR B 283 21.61 -10.36 -8.00
N THR B 284 20.60 -9.52 -8.10
CA THR B 284 20.47 -8.32 -7.30
C THR B 284 20.69 -8.55 -5.80
N TRP B 285 20.15 -9.64 -5.27
CA TRP B 285 20.18 -9.83 -3.82
C TRP B 285 21.18 -10.87 -3.32
N GLY B 286 21.94 -11.44 -4.24
CA GLY B 286 22.92 -12.45 -3.87
C GLY B 286 22.30 -13.77 -3.43
N ILE B 287 21.12 -14.09 -3.97
CA ILE B 287 20.47 -15.34 -3.60
C ILE B 287 21.03 -16.46 -4.45
N GLN B 288 21.55 -17.48 -3.78
CA GLN B 288 22.12 -18.67 -4.44
C GLN B 288 21.20 -19.86 -4.26
N ASP B 289 20.96 -20.60 -5.34
CA ASP B 289 20.16 -21.81 -5.25
C ASP B 289 21.00 -22.92 -4.65
N ALA B 290 20.42 -24.11 -4.56
CA ALA B 290 21.10 -25.24 -3.91
C ALA B 290 22.36 -25.69 -4.68
N ASN B 291 22.46 -25.29 -5.95
CA ASN B 291 23.62 -25.61 -6.78
C ASN B 291 24.67 -24.49 -6.87
N GLY B 292 24.55 -23.47 -6.02
CA GLY B 292 25.48 -22.36 -6.03
C GLY B 292 25.30 -21.32 -7.13
N GLU B 293 24.29 -21.48 -7.98
CA GLU B 293 24.01 -20.50 -9.03
C GLU B 293 23.05 -19.37 -8.57
N PRO B 294 23.17 -18.19 -9.18
CA PRO B 294 22.22 -17.11 -8.86
C PRO B 294 20.80 -17.58 -9.08
N ALA B 295 19.95 -17.38 -8.08
CA ALA B 295 18.61 -17.96 -8.08
C ALA B 295 17.70 -17.29 -9.10
N HIS B 296 16.73 -18.06 -9.58
CA HIS B 296 15.65 -17.51 -10.38
C HIS B 296 14.46 -17.27 -9.49
N THR B 297 13.63 -16.32 -9.88
CA THR B 297 12.43 -16.09 -9.14
C THR B 297 11.31 -15.91 -10.12
N GLY B 298 10.10 -16.14 -9.65
CA GLY B 298 8.92 -15.78 -10.37
C GLY B 298 7.82 -15.58 -9.37
N CYS B 299 6.66 -15.15 -9.83
CA CYS B 299 5.53 -14.93 -8.95
C CYS B 299 4.22 -15.01 -9.70
N VAL B 300 3.17 -15.40 -8.99
CA VAL B 300 1.81 -15.32 -9.51
C VAL B 300 1.11 -14.26 -8.67
N ALA B 301 0.48 -13.28 -9.33
CA ALA B 301 -0.07 -12.13 -8.61
C ALA B 301 -1.55 -11.95 -8.88
N PHE B 302 -2.32 -11.82 -7.81
CA PHE B 302 -3.76 -11.59 -7.90
C PHE B 302 -4.06 -10.13 -7.60
N GLY B 303 -4.77 -9.46 -8.49
CA GLY B 303 -5.23 -8.11 -8.24
C GLY B 303 -6.54 -8.14 -7.45
N MET B 304 -6.46 -7.97 -6.14
CA MET B 304 -7.64 -8.20 -5.32
C MET B 304 -8.78 -7.26 -5.67
N ASP B 305 -8.45 -6.02 -6.01
CA ASP B 305 -9.48 -5.04 -6.29
C ASP B 305 -10.07 -5.22 -7.69
N ARG B 306 -9.25 -5.68 -8.63
CA ARG B 306 -9.76 -5.96 -9.98
C ARG B 306 -10.63 -7.19 -10.01
N LEU B 307 -10.26 -8.21 -9.22
CA LEU B 307 -11.07 -9.41 -9.12
C LEU B 307 -12.42 -9.10 -8.48
N ALA B 308 -12.39 -8.27 -7.44
CA ALA B 308 -13.64 -7.94 -6.77
C ALA B 308 -14.56 -7.19 -7.75
N VAL B 309 -14.05 -6.13 -8.37
CA VAL B 309 -14.81 -5.41 -9.39
C VAL B 309 -15.31 -6.33 -10.52
N ALA B 310 -14.43 -7.17 -11.07
CA ALA B 310 -14.83 -8.17 -12.06
C ALA B 310 -15.99 -9.03 -11.58
N MET B 311 -16.00 -9.39 -10.29
CA MET B 311 -17.08 -10.20 -9.77
C MET B 311 -18.41 -9.44 -9.74
N PHE B 312 -18.38 -8.18 -9.34
CA PHE B 312 -19.59 -7.36 -9.29
C PHE B 312 -20.09 -7.00 -10.70
N HIS B 313 -19.18 -6.85 -11.64
CA HIS B 313 -19.59 -6.58 -13.00
C HIS B 313 -20.19 -7.81 -13.66
N THR B 314 -19.67 -8.98 -13.31
CA THR B 314 -20.08 -10.23 -13.92
C THR B 314 -21.39 -10.73 -13.32
N HIS B 315 -21.53 -10.62 -12.00
CA HIS B 315 -22.67 -11.20 -11.30
C HIS B 315 -23.60 -10.19 -10.64
N GLY B 316 -23.31 -8.90 -10.79
CA GLY B 316 -24.16 -7.89 -10.18
C GLY B 316 -23.91 -7.64 -8.70
N THR B 317 -24.55 -6.60 -8.16
CA THR B 317 -24.25 -6.15 -6.82
C THR B 317 -25.21 -6.72 -5.79
N ASP B 318 -26.02 -7.67 -6.23
CA ASP B 318 -26.94 -8.36 -5.34
C ASP B 318 -26.44 -9.78 -5.15
N LEU B 319 -25.96 -10.07 -3.95
CA LEU B 319 -25.25 -11.31 -3.66
C LEU B 319 -26.14 -12.54 -3.68
N SER B 320 -27.37 -12.37 -3.20
CA SER B 320 -28.34 -13.46 -3.19
C SER B 320 -28.64 -13.98 -4.60
N ALA B 321 -28.41 -13.15 -5.62
CA ALA B 321 -28.65 -13.53 -7.00
C ALA B 321 -27.44 -14.17 -7.71
N TRP B 322 -26.30 -14.22 -7.03
CA TRP B 322 -25.11 -14.83 -7.62
C TRP B 322 -25.30 -16.33 -7.81
N PRO B 323 -24.70 -16.91 -8.87
CA PRO B 323 -24.78 -18.35 -9.13
C PRO B 323 -24.45 -19.18 -7.89
N ALA B 324 -25.19 -20.26 -7.68
CA ALA B 324 -25.05 -21.09 -6.48
C ALA B 324 -23.67 -21.69 -6.30
N LYS B 325 -23.05 -22.15 -7.39
CA LYS B 325 -21.69 -22.67 -7.30
C LYS B 325 -20.70 -21.57 -6.88
N VAL B 326 -20.99 -20.33 -7.28
CA VAL B 326 -20.10 -19.22 -6.95
C VAL B 326 -20.30 -18.83 -5.50
N ARG B 327 -21.55 -18.79 -5.05
CA ARG B 327 -21.84 -18.52 -3.64
C ARG B 327 -21.18 -19.56 -2.74
N ASP B 328 -21.18 -20.81 -3.22
CA ASP B 328 -20.64 -21.93 -2.48
C ASP B 328 -19.12 -21.83 -2.34
N ILE B 329 -18.43 -21.76 -3.49
CA ILE B 329 -16.97 -21.59 -3.56
C ILE B 329 -16.46 -20.47 -2.63
N LEU B 330 -17.22 -19.38 -2.52
CA LEU B 330 -16.85 -18.25 -1.70
C LEU B 330 -17.33 -18.37 -0.26
N GLY B 331 -18.04 -19.43 0.04
CA GLY B 331 -18.56 -19.62 1.39
C GLY B 331 -19.63 -18.61 1.78
N LEU B 332 -20.31 -18.03 0.80
CA LEU B 332 -21.47 -17.19 1.07
C LEU B 332 -22.67 -18.05 1.46
N LEU C 55 -8.67 27.00 36.00
CA LEU C 55 -8.68 27.99 34.92
C LEU C 55 -9.57 27.56 33.75
N VAL C 56 -9.91 26.27 33.71
CA VAL C 56 -10.74 25.70 32.64
C VAL C 56 -12.24 25.72 32.99
N ASP C 57 -12.53 25.68 34.29
CA ASP C 57 -13.91 25.80 34.78
C ASP C 57 -14.42 27.20 34.44
N VAL C 58 -13.48 28.13 34.32
CA VAL C 58 -13.77 29.49 33.89
C VAL C 58 -14.41 29.52 32.49
N GLY C 59 -13.75 28.87 31.52
CA GLY C 59 -14.29 28.76 30.18
C GLY C 59 -13.23 28.72 29.10
N LEU C 60 -11.96 28.80 29.53
CA LEU C 60 -10.82 28.84 28.60
C LEU C 60 -10.64 27.58 27.76
N THR C 61 -10.85 27.70 26.45
CA THR C 61 -10.59 26.60 25.54
C THR C 61 -9.16 26.68 25.03
N SER C 62 -8.79 25.78 24.12
CA SER C 62 -7.39 25.67 23.69
C SER C 62 -6.87 26.92 23.00
N MET C 63 -7.69 27.48 22.13
CA MET C 63 -7.35 28.74 21.46
C MET C 63 -7.32 29.89 22.46
N ASP C 64 -8.19 29.83 23.46
CA ASP C 64 -8.22 30.80 24.55
C ASP C 64 -6.97 30.72 25.41
N MET C 65 -6.50 29.49 25.63
CA MET C 65 -5.30 29.25 26.42
C MET C 65 -4.04 29.60 25.64
N VAL C 66 -4.07 29.35 24.33
CA VAL C 66 -2.95 29.72 23.47
C VAL C 66 -2.81 31.23 23.45
N ASN C 67 -3.91 31.93 23.19
CA ASN C 67 -3.93 33.39 23.23
C ASN C 67 -3.64 33.93 24.63
N LEU C 68 -3.69 33.05 25.63
CA LEU C 68 -3.40 33.41 27.02
C LEU C 68 -1.91 33.30 27.31
N MET C 69 -1.26 32.29 26.72
CA MET C 69 0.18 32.15 26.86
C MET C 69 0.87 33.31 26.16
N LEU C 70 0.22 33.81 25.11
CA LEU C 70 0.76 34.90 24.29
C LEU C 70 0.75 36.24 25.01
N GLY C 71 -0.27 36.45 25.84
CA GLY C 71 -0.39 37.69 26.61
C GLY C 71 0.58 37.75 27.78
N VAL C 72 0.87 36.59 28.36
CA VAL C 72 1.77 36.50 29.50
C VAL C 72 3.23 36.61 29.07
N GLU C 73 3.57 35.98 27.96
CA GLU C 73 4.90 36.11 27.38
C GLU C 73 5.14 37.56 26.95
N ALA C 74 4.05 38.28 26.69
CA ALA C 74 4.09 39.68 26.24
C ALA C 74 4.23 40.69 27.37
N GLU C 75 3.48 40.48 28.46
CA GLU C 75 3.48 41.42 29.59
C GLU C 75 4.85 41.49 30.29
N PHE C 76 5.52 40.35 30.43
CA PHE C 76 6.83 40.29 31.05
C PHE C 76 7.82 39.47 30.23
N ASP D 27 21.77 -5.36 -49.11
CA ASP D 27 22.49 -6.59 -48.86
C ASP D 27 23.69 -6.35 -47.94
N VAL D 28 24.21 -5.12 -47.98
CA VAL D 28 25.28 -4.69 -47.09
C VAL D 28 24.76 -4.62 -45.65
N ARG D 29 23.49 -4.24 -45.51
CA ARG D 29 22.82 -4.16 -44.22
C ARG D 29 22.81 -5.52 -43.51
N ASN D 30 22.31 -6.54 -44.19
CA ASN D 30 22.22 -7.88 -43.63
C ASN D 30 23.57 -8.39 -43.11
N ARG D 31 24.64 -8.00 -43.80
CA ARG D 31 25.99 -8.44 -43.43
C ARG D 31 26.49 -7.83 -42.11
N ILE D 32 26.33 -6.52 -41.97
CA ILE D 32 26.81 -5.83 -40.75
C ILE D 32 25.81 -5.84 -39.58
N ILE D 33 24.59 -6.30 -39.84
CA ILE D 33 23.62 -6.57 -38.78
C ILE D 33 24.02 -7.87 -38.08
N LYS D 34 24.26 -8.92 -38.87
CA LYS D 34 24.71 -10.20 -38.35
C LYS D 34 26.02 -10.08 -37.56
N LEU D 35 26.73 -8.99 -37.80
CA LEU D 35 28.01 -8.72 -37.13
C LEU D 35 27.82 -8.27 -35.68
N VAL D 36 26.87 -7.36 -35.44
CA VAL D 36 26.61 -6.89 -34.08
C VAL D 36 25.94 -7.99 -33.24
N LYS D 37 25.07 -8.76 -33.88
CA LYS D 37 24.43 -9.92 -33.26
C LYS D 37 25.48 -10.95 -32.83
N GLY D 38 26.40 -11.27 -33.74
CA GLY D 38 27.49 -12.18 -33.45
C GLY D 38 28.48 -11.63 -32.44
N ILE D 39 28.46 -10.31 -32.25
CA ILE D 39 29.36 -9.65 -31.31
C ILE D 39 28.81 -9.68 -29.89
N LEU D 40 27.51 -9.39 -29.78
CA LEU D 40 26.81 -9.45 -28.50
C LEU D 40 26.63 -10.91 -28.08
N GLU D 41 26.53 -11.80 -29.06
CA GLU D 41 26.45 -13.24 -28.78
C GLU D 41 27.79 -13.75 -28.29
N GLN D 42 28.87 -13.29 -28.94
CA GLN D 42 30.23 -13.64 -28.51
C GLN D 42 30.55 -13.05 -27.14
N ASN D 43 29.68 -12.16 -26.66
CA ASN D 43 29.81 -11.57 -25.33
C ASN D 43 29.38 -12.53 -24.22
N ALA D 44 28.85 -13.69 -24.60
CA ALA D 44 28.40 -14.69 -23.63
C ALA D 44 28.54 -16.12 -24.16
N LEU D 45 28.19 -16.32 -25.43
CA LEU D 45 28.19 -17.66 -26.03
C LEU D 45 28.49 -17.64 -27.54
N ALA D 46 27.98 -18.65 -28.26
CA ALA D 46 28.16 -18.76 -29.70
C ALA D 46 26.97 -19.46 -30.35
N ALA D 47 26.55 -19.00 -31.52
CA ALA D 47 25.38 -19.57 -32.18
C ALA D 47 25.34 -19.31 -33.69
N ASP D 48 24.59 -20.17 -34.38
CA ASP D 48 24.39 -20.03 -35.82
C ASP D 48 23.27 -19.02 -36.08
N VAL D 49 23.55 -18.04 -36.92
CA VAL D 49 22.61 -16.97 -37.19
C VAL D 49 21.94 -17.11 -38.56
N THR D 50 20.63 -17.36 -38.55
CA THR D 50 19.86 -17.56 -39.78
C THR D 50 18.89 -16.40 -39.99
N PRO D 51 18.66 -16.01 -41.25
CA PRO D 51 17.59 -15.05 -41.55
C PRO D 51 16.24 -15.48 -41.00
N GLN D 52 15.87 -16.75 -41.19
CA GLN D 52 14.57 -17.25 -40.72
C GLN D 52 14.54 -17.57 -39.22
N ALA D 53 15.68 -17.42 -38.55
CA ALA D 53 15.80 -17.73 -37.12
C ALA D 53 15.32 -16.58 -36.23
N LYS D 54 14.72 -16.91 -35.10
CA LYS D 54 14.22 -15.92 -34.16
C LYS D 54 15.28 -15.50 -33.13
N LEU D 55 15.40 -14.19 -32.92
CA LEU D 55 16.50 -13.62 -32.13
C LEU D 55 16.49 -14.08 -30.68
N VAL D 56 15.31 -14.45 -30.20
CA VAL D 56 15.18 -14.94 -28.83
C VAL D 56 15.72 -16.37 -28.71
N ASP D 57 15.52 -17.18 -29.75
CA ASP D 57 16.02 -18.56 -29.78
C ASP D 57 17.54 -18.58 -29.78
N VAL D 58 18.14 -17.59 -30.42
CA VAL D 58 19.59 -17.44 -30.47
C VAL D 58 20.14 -17.19 -29.06
N GLY D 59 19.35 -16.49 -28.24
CA GLY D 59 19.71 -16.27 -26.85
C GLY D 59 19.73 -14.81 -26.45
N LEU D 60 19.07 -13.96 -27.23
CA LEU D 60 19.06 -12.54 -26.92
C LEU D 60 18.16 -12.22 -25.73
N THR D 61 18.79 -11.70 -24.67
CA THR D 61 18.09 -11.24 -23.48
C THR D 61 17.60 -9.81 -23.69
N SER D 62 16.94 -9.25 -22.69
CA SER D 62 16.41 -7.89 -22.83
C SER D 62 17.52 -6.86 -22.93
N MET D 63 18.50 -6.94 -22.02
CA MET D 63 19.62 -6.01 -22.04
C MET D 63 20.37 -6.16 -23.36
N ASP D 64 20.36 -7.38 -23.89
CA ASP D 64 20.93 -7.68 -25.20
C ASP D 64 20.16 -7.02 -26.34
N MET D 65 18.84 -7.15 -26.32
CA MET D 65 18.00 -6.51 -27.33
C MET D 65 18.16 -4.99 -27.25
N VAL D 66 18.39 -4.52 -26.04
CA VAL D 66 18.69 -3.11 -25.80
C VAL D 66 20.03 -2.73 -26.45
N ASN D 67 21.08 -3.48 -26.11
CA ASN D 67 22.41 -3.25 -26.68
C ASN D 67 22.49 -3.52 -28.20
N LEU D 68 21.59 -4.36 -28.70
CA LEU D 68 21.54 -4.67 -30.13
C LEU D 68 20.80 -3.58 -30.89
N MET D 69 19.87 -2.91 -30.22
CA MET D 69 19.16 -1.80 -30.81
C MET D 69 20.10 -0.60 -30.95
N LEU D 70 21.01 -0.47 -29.98
CA LEU D 70 21.99 0.62 -29.95
C LEU D 70 23.16 0.39 -30.91
N GLY D 71 23.42 -0.87 -31.26
CA GLY D 71 24.42 -1.21 -32.25
C GLY D 71 23.90 -0.98 -33.67
N VAL D 72 22.60 -1.22 -33.86
CA VAL D 72 21.94 -1.00 -35.14
C VAL D 72 21.76 0.49 -35.45
N GLU D 73 21.46 1.28 -34.42
CA GLU D 73 21.31 2.73 -34.57
C GLU D 73 22.64 3.47 -34.76
N ALA D 74 23.73 2.87 -34.30
CA ALA D 74 25.06 3.48 -34.39
C ALA D 74 25.81 3.10 -35.68
N GLU D 75 25.51 1.91 -36.21
CA GLU D 75 26.13 1.41 -37.43
C GLU D 75 25.60 2.10 -38.69
N PHE D 76 24.30 2.36 -38.72
CA PHE D 76 23.67 2.93 -39.90
C PHE D 76 23.20 4.37 -39.66
N ASP D 77 23.64 4.94 -38.55
CA ASP D 77 23.21 6.27 -38.07
C ASP D 77 21.80 6.72 -38.47
N PHE D 78 20.81 5.99 -37.98
CA PHE D 78 19.42 6.42 -38.04
C PHE D 78 18.86 6.28 -36.63
N THR D 79 17.57 6.58 -36.47
CA THR D 79 16.90 6.41 -35.19
C THR D 79 15.60 5.62 -35.37
N ILE D 80 15.51 4.46 -34.72
CA ILE D 80 14.32 3.63 -34.84
C ILE D 80 13.11 4.36 -34.28
N PRO D 81 12.06 4.52 -35.10
CA PRO D 81 10.89 5.35 -34.82
C PRO D 81 9.78 4.65 -34.04
N GLN D 82 8.63 5.33 -33.97
CA GLN D 82 7.48 4.86 -33.22
C GLN D 82 6.76 3.73 -33.94
N SER D 83 6.13 2.85 -33.16
CA SER D 83 5.41 1.69 -33.70
C SER D 83 6.27 0.79 -34.59
N GLU D 84 7.58 1.04 -34.61
CA GLU D 84 8.50 0.21 -35.37
C GLU D 84 9.36 -0.61 -34.42
N ILE D 85 9.25 -0.29 -33.14
CA ILE D 85 9.85 -1.10 -32.08
C ILE D 85 8.83 -2.17 -31.67
N THR D 86 8.74 -3.25 -32.45
CA THR D 86 7.74 -4.29 -32.25
C THR D 86 8.35 -5.69 -32.42
N PRO D 87 7.70 -6.71 -31.83
CA PRO D 87 8.20 -8.09 -31.97
C PRO D 87 8.17 -8.53 -33.43
N GLU D 88 7.16 -8.07 -34.17
CA GLU D 88 7.08 -8.31 -35.60
C GLU D 88 8.39 -7.93 -36.26
N ASN D 89 8.77 -6.66 -36.12
CA ASN D 89 10.01 -6.17 -36.73
C ASN D 89 11.29 -6.61 -36.03
N PHE D 90 11.17 -7.36 -34.94
CA PHE D 90 12.36 -7.70 -34.15
C PHE D 90 12.61 -9.17 -33.82
N GLN D 91 11.85 -10.09 -34.40
CA GLN D 91 12.10 -11.52 -34.18
C GLN D 91 13.31 -12.06 -34.93
N SER D 92 13.35 -11.84 -36.24
CA SER D 92 14.42 -12.33 -37.10
C SER D 92 15.15 -11.20 -37.82
N VAL D 93 16.42 -11.42 -38.15
CA VAL D 93 17.15 -10.43 -38.96
C VAL D 93 16.44 -10.19 -40.28
N GLU D 94 15.71 -11.21 -40.74
CA GLU D 94 14.90 -11.13 -41.95
C GLU D 94 13.73 -10.15 -41.81
N THR D 95 13.28 -9.94 -40.57
CA THR D 95 12.26 -8.93 -40.30
C THR D 95 12.92 -7.62 -39.87
N LEU D 96 14.17 -7.71 -39.46
CA LEU D 96 15.02 -6.54 -39.22
C LEU D 96 15.53 -6.02 -40.56
N GLU D 97 15.30 -6.82 -41.61
CA GLU D 97 15.53 -6.38 -42.97
C GLU D 97 14.56 -5.26 -43.29
N ARG D 98 13.27 -5.57 -43.29
CA ARG D 98 12.21 -4.59 -43.58
C ARG D 98 12.22 -3.40 -42.62
N MET D 99 12.99 -3.50 -41.54
CA MET D 99 13.18 -2.39 -40.62
C MET D 99 14.12 -1.34 -41.20
N VAL D 100 15.42 -1.67 -41.26
CA VAL D 100 16.42 -0.75 -41.79
C VAL D 100 16.08 -0.32 -43.23
N MET D 101 15.53 -1.26 -43.99
CA MET D 101 15.14 -0.99 -45.36
C MET D 101 13.65 -0.63 -45.49
N THR D 102 13.22 0.34 -44.69
CA THR D 102 11.94 0.99 -44.87
C THR D 102 12.23 2.48 -44.90
N GLN D 103 13.42 2.82 -44.40
CA GLN D 103 13.98 4.17 -44.45
C GLN D 103 15.34 4.20 -43.75
ZN ZN E . -10.35 9.31 14.90
C G5A F . -6.50 8.85 16.70
N G5A F . -8.36 9.38 15.21
O G5A F . -5.72 9.01 15.76
S G5A F . -4.40 8.48 18.53
N1 G5A F . 2.75 2.99 16.35
C2 G5A F . 1.78 2.12 16.63
N3 G5A F . 0.52 2.35 16.98
C4 G5A F . 0.28 3.67 17.08
C5 G5A F . 1.17 4.69 16.83
C6 G5A F . 2.47 4.32 16.42
N6 G5A F . 3.41 5.19 16.02
N7 G5A F . 0.59 5.92 17.03
C8 G5A F . -0.65 5.63 17.38
N9 G5A F . -0.89 4.29 17.45
CA G5A F . -8.03 8.89 16.56
C1' G5A F . -2.11 3.65 17.95
O1S G5A F . -3.59 9.40 17.82
C2' G5A F . -2.27 3.80 19.48
O2' G5A F . -2.76 2.60 20.06
O2S G5A F . -4.37 8.34 19.94
C3' G5A F . -3.28 4.94 19.59
O3' G5A F . -4.06 4.86 20.78
N3S G5A F . -5.98 8.63 18.02
C4' G5A F . -4.16 4.71 18.35
O4' G5A F . -3.23 4.25 17.33
C5' G5A F . -4.92 5.91 17.86
O5' G5A F . -4.04 7.07 17.95
ZN ZN G . 5.65 -10.13 -7.73
C G5A H . 3.15 -7.74 -10.28
N G5A H . 4.65 -8.54 -8.65
O G5A H . 3.16 -6.62 -9.75
S G5A H . 1.57 -6.71 -12.27
N1 G5A H . -5.45 -0.91 -10.31
C2 G5A H . -5.90 -2.09 -9.87
N3 G5A H . -5.27 -3.27 -9.85
C4 G5A H . -4.04 -3.16 -10.36
C5 G5A H . -3.43 -2.01 -10.83
C6 G5A H . -4.20 -0.82 -10.79
N6 G5A H . -3.74 0.36 -11.19
N7 G5A H . -2.15 -2.27 -11.28
C8 G5A H . -2.01 -3.56 -11.08
N9 G5A H . -3.12 -4.17 -10.54
CA G5A H . 3.86 -8.95 -9.74
C1' G5A H . -3.33 -5.60 -10.33
O1S G5A H . 2.37 -5.53 -12.24
C2' G5A H . -3.71 -6.34 -11.62
O2' G5A H . -4.72 -7.31 -11.33
O2S G5A H . 0.93 -7.20 -13.42
C3' G5A H . -2.39 -7.01 -12.01
O3' G5A H . -2.57 -8.20 -12.79
N3S G5A H . 2.45 -7.88 -11.50
C4' G5A H . -1.81 -7.33 -10.64
O4' G5A H . -2.13 -6.16 -9.85
C5' G5A H . -0.32 -7.61 -10.58
O5' G5A H . 0.37 -6.50 -11.24
S SO4 I . 13.01 25.65 3.84
O1 SO4 I . 14.28 26.02 4.46
O2 SO4 I . 12.23 24.82 4.76
O3 SO4 I . 12.25 26.87 3.58
O4 SO4 I . 13.26 24.96 2.59
S SO4 J . -4.86 -11.64 3.79
O1 SO4 J . -4.03 -10.85 4.70
O2 SO4 J . -6.27 -11.41 4.08
O3 SO4 J . -4.60 -11.20 2.42
O4 SO4 J . -4.56 -13.06 3.94
O23 PNS K . -9.91 24.81 20.07
P24 PNS K . -9.23 24.06 21.23
O25 PNS K . -10.07 24.07 22.51
O27 PNS K . -8.99 22.55 20.77
C28 PNS K . -10.01 21.55 20.64
C29 PNS K . -9.55 20.61 19.51
C30 PNS K . -10.45 19.36 19.47
C31 PNS K . -9.63 21.34 18.16
C32 PNS K . -8.09 20.18 19.78
O33 PNS K . -7.90 19.67 21.08
C34 PNS K . -7.57 19.13 18.77
O35 PNS K . -7.01 19.50 17.73
N36 PNS K . -7.75 17.84 19.08
C37 PNS K . -7.31 16.75 18.22
C38 PNS K . -8.32 16.43 17.15
C39 PNS K . -7.81 15.38 16.20
O40 PNS K . -6.75 15.53 15.61
N41 PNS K . -8.57 14.29 16.07
C42 PNS K . -8.15 13.11 15.34
C43 PNS K . -7.39 12.19 16.32
S44 PNS K . -5.68 12.77 16.50
O23 PNS L . 17.47 -8.96 -18.80
P24 PNS L . 16.12 -8.77 -19.51
O25 PNS L . 15.73 -10.04 -20.28
O27 PNS L . 15.00 -8.43 -18.42
C28 PNS L . 14.27 -9.41 -17.65
C29 PNS L . 13.63 -8.64 -16.47
C30 PNS L . 12.89 -9.61 -15.53
C31 PNS L . 14.74 -7.93 -15.69
C32 PNS L . 12.62 -7.61 -17.02
O33 PNS L . 11.63 -8.19 -17.85
C34 PNS L . 11.86 -6.90 -15.89
O35 PNS L . 12.42 -6.04 -15.20
N36 PNS L . 10.59 -7.27 -15.71
C37 PNS L . 9.77 -6.76 -14.61
C38 PNS L . 10.21 -7.34 -13.28
C39 PNS L . 9.41 -6.78 -12.14
O40 PNS L . 9.43 -5.58 -11.89
N41 PNS L . 8.70 -7.66 -11.44
C42 PNS L . 7.84 -7.28 -10.31
C43 PNS L . 6.42 -6.96 -10.80
S44 PNS L . 6.35 -5.27 -11.44
#